data_4FOW
#
_entry.id   4FOW
#
_cell.length_a   76.330
_cell.length_b   82.497
_cell.length_c   116.919
_cell.angle_alpha   90.000
_cell.angle_beta   90.000
_cell.angle_gamma   90.000
#
_symmetry.space_group_name_H-M   'P 21 21 21'
#
loop_
_entity.id
_entity.type
_entity.pdbx_description
1 polymer 'Sialidase B'
2 non-polymer '3-aminopropane-1-sulfonic acid'
3 non-polymer 'DIMETHYL SULFOXIDE'
4 water water
#
_entity_poly.entity_id   1
_entity_poly.type   'polypeptide(L)'
_entity_poly.pdbx_seq_one_letter_code
;MNKRGLYSKLGISVVGISLLMGVPTLIHANELNYGQLSISPIFQGGSYQLNNKSIDISSLLLDKLSGESQTVVMKFKADK
PNSLQALFGLSNSKAGFKNNYFSIFMRDSGEIGVEIRDAQKGINYLFSRPASLWGKHKGQAVENTLVFVSDSKDKTYTMY
VNGIEVFSETVDTFLPISNINGIDKATLGAVNREGKEHYLAKGSIDEISLFNKAISDQEVSTIPLSNPFQLIFQSGDSTQ
ANYFRIPTLYTLSSGRVLSSIDARYGGTHDSKSKINIATSYSDDNGKTWSEPIFAMKFNDYEEQLVYWPRDNKLKNSQIS
GSASFIDSSIVEDKKSGKTILLADVMPAGIGNNNANKADSGFKEINGHYYLKLKKNGDNDFRYTVRENGVVYNETTNKPT
NYTINDKYEVLEGGKSLTVEQYSVDFDSGSLRERHNGKQVPMNVFYKDSLFKVTPTNYIAMTTSQNRGESWEQFKLLPPF
LGEKHNGTYLCPGQGLALKSSNRLIFATYTSGELTYLISDDSGQTWKKSSASIPFKNATAEAQMVELRDGVIRTFFRTTT
GKIAYMTSRDSGETWSKVSYIDGIQQTSYGTQVSAIKYSQLIDGKEAVILSTPNSRSGRKGGQLVVGLVNKEDDSIDWKY
HYDIDLPSYGYAYSAITELPNHHIGVLFEKYDSWSRNELHLSNVVQYIDLEINDLTK
;
_entity_poly.pdbx_strand_id   A
#
loop_
_chem_comp.id
_chem_comp.type
_chem_comp.name
_chem_comp.formula
A20 non-polymer '3-aminopropane-1-sulfonic acid' 'C3 H9 N O3 S'
DMS non-polymer 'DIMETHYL SULFOXIDE' 'C2 H6 O S'
#
# COMPACT_ATOMS: atom_id res chain seq x y z
N ILE A 39 -8.27 -1.54 35.50
CA ILE A 39 -9.11 -1.09 36.60
C ILE A 39 -10.48 -0.58 36.12
N SER A 40 -11.43 -0.47 37.06
CA SER A 40 -12.83 -0.23 36.72
C SER A 40 -13.09 1.10 36.01
N PRO A 41 -14.12 1.12 35.14
CA PRO A 41 -14.51 2.37 34.50
C PRO A 41 -15.25 3.25 35.51
N ILE A 42 -15.14 4.56 35.37
CA ILE A 42 -15.91 5.48 36.21
C ILE A 42 -17.28 5.69 35.59
N PHE A 43 -17.44 5.24 34.34
CA PHE A 43 -18.72 5.32 33.65
C PHE A 43 -18.75 4.28 32.56
N GLN A 44 -19.88 3.57 32.46
CA GLN A 44 -20.07 2.60 31.40
C GLN A 44 -21.52 2.64 30.93
N GLY A 45 -21.72 2.73 29.62
CA GLY A 45 -23.05 2.78 29.03
C GLY A 45 -23.05 2.15 27.66
N GLY A 46 -24.23 1.82 27.15
CA GLY A 46 -24.30 1.05 25.92
C GLY A 46 -25.61 1.12 25.17
N SER A 47 -25.58 0.69 23.91
CA SER A 47 -26.68 0.79 22.97
C SER A 47 -27.34 2.17 22.96
N TYR A 48 -26.59 3.17 22.53
CA TYR A 48 -27.17 4.48 22.24
C TYR A 48 -27.35 4.60 20.73
N GLN A 49 -28.53 5.03 20.32
CA GLN A 49 -28.74 5.30 18.90
C GLN A 49 -28.57 6.80 18.68
N LEU A 50 -27.75 7.14 17.70
CA LEU A 50 -27.55 8.53 17.35
C LEU A 50 -28.26 8.78 16.04
N ASN A 51 -29.44 9.41 16.11
CA ASN A 51 -30.23 9.65 14.90
C ASN A 51 -30.45 11.14 14.72
N ASN A 52 -29.35 11.84 14.49
CA ASN A 52 -29.34 13.30 14.38
C ASN A 52 -29.99 13.97 15.59
N LYS A 53 -29.73 13.39 16.76
CA LYS A 53 -30.22 13.93 18.02
C LYS A 53 -29.27 13.54 19.14
N SER A 54 -28.61 14.52 19.74
CA SER A 54 -27.63 14.23 20.79
C SER A 54 -28.27 13.61 22.03
N ILE A 55 -27.47 12.89 22.81
CA ILE A 55 -27.94 12.28 24.05
C ILE A 55 -27.14 12.86 25.20
N ASP A 56 -27.84 13.46 26.16
CA ASP A 56 -27.20 14.07 27.32
C ASP A 56 -26.88 13.04 28.40
N ILE A 57 -25.60 12.93 28.76
CA ILE A 57 -25.17 12.01 29.81
C ILE A 57 -24.41 12.74 30.91
N SER A 58 -24.58 14.07 30.95
CA SER A 58 -23.89 14.92 31.90
C SER A 58 -24.02 14.41 33.35
N SER A 59 -25.26 14.18 33.78
CA SER A 59 -25.53 13.78 35.16
C SER A 59 -24.86 12.45 35.51
N LEU A 60 -24.81 11.55 34.54
CA LEU A 60 -24.16 10.26 34.74
C LEU A 60 -22.64 10.34 34.79
N LEU A 61 -22.05 11.26 34.04
CA LEU A 61 -20.60 11.23 33.81
C LEU A 61 -19.79 12.35 34.46
N LEU A 62 -20.30 13.58 34.42
CA LEU A 62 -19.47 14.74 34.75
C LEU A 62 -18.83 14.72 36.13
N ASP A 63 -19.61 14.44 37.18
CA ASP A 63 -19.05 14.43 38.53
C ASP A 63 -18.25 13.15 38.85
N LYS A 64 -18.12 12.26 37.86
CA LYS A 64 -17.29 11.07 38.02
C LYS A 64 -15.87 11.36 37.53
N LEU A 65 -15.74 12.39 36.71
CA LEU A 65 -14.44 12.76 36.13
C LEU A 65 -13.51 13.33 37.19
N SER A 66 -12.30 12.78 37.32
CA SER A 66 -11.38 13.33 38.30
C SER A 66 -9.93 13.03 37.93
N GLY A 67 -9.05 13.96 38.28
CA GLY A 67 -7.66 13.87 37.87
C GLY A 67 -7.50 14.33 36.43
N GLU A 68 -6.27 14.41 35.97
CA GLU A 68 -5.98 15.02 34.67
C GLU A 68 -5.72 14.03 33.53
N SER A 69 -5.77 12.73 33.83
CA SER A 69 -5.57 11.71 32.81
C SER A 69 -6.84 10.89 32.62
N GLN A 70 -7.27 10.72 31.36
CA GLN A 70 -8.49 9.96 31.08
C GLN A 70 -8.32 9.02 29.89
N THR A 71 -9.04 7.91 29.91
CA THR A 71 -9.13 7.00 28.76
C THR A 71 -10.60 6.87 28.38
N VAL A 72 -10.87 6.95 27.09
CA VAL A 72 -12.22 6.72 26.56
C VAL A 72 -12.18 5.47 25.70
N VAL A 73 -13.03 4.49 26.01
CA VAL A 73 -13.17 3.32 25.15
C VAL A 73 -14.56 3.35 24.54
N MET A 74 -14.63 3.30 23.23
CA MET A 74 -15.94 3.41 22.55
C MET A 74 -16.05 2.41 21.41
N LYS A 75 -17.14 1.64 21.41
CA LYS A 75 -17.46 0.76 20.30
C LYS A 75 -18.68 1.32 19.58
N PHE A 76 -18.51 1.65 18.29
CA PHE A 76 -19.55 2.38 17.59
C PHE A 76 -19.66 1.93 16.14
N LYS A 77 -20.83 2.19 15.56
CA LYS A 77 -21.08 1.91 14.17
C LYS A 77 -21.50 3.21 13.52
N ALA A 78 -21.18 3.35 12.24
CA ALA A 78 -21.58 4.51 11.47
C ALA A 78 -21.45 4.13 10.01
N ASP A 79 -22.51 3.59 9.46
CA ASP A 79 -22.48 3.14 8.06
C ASP A 79 -23.17 4.14 7.16
N LYS A 80 -23.75 5.19 7.75
CA LYS A 80 -24.31 6.30 6.97
C LYS A 80 -23.99 7.62 7.66
N PRO A 81 -22.70 7.89 7.90
CA PRO A 81 -22.36 9.06 8.72
C PRO A 81 -22.68 10.37 8.00
N ASN A 82 -22.91 11.44 8.77
CA ASN A 82 -22.94 12.76 8.18
C ASN A 82 -21.53 13.15 7.72
N SER A 83 -21.40 14.28 7.04
CA SER A 83 -20.11 14.74 6.53
C SER A 83 -19.07 14.90 7.63
N LEU A 84 -19.47 15.53 8.72
CA LEU A 84 -18.61 15.74 9.86
C LEU A 84 -19.48 15.61 11.09
N GLN A 85 -19.17 14.66 11.96
CA GLN A 85 -20.02 14.47 13.12
C GLN A 85 -19.22 14.12 14.37
N ALA A 86 -19.67 14.61 15.52
CA ALA A 86 -19.01 14.26 16.77
C ALA A 86 -19.66 13.01 17.37
N LEU A 87 -18.84 12.09 17.88
CA LEU A 87 -19.38 10.92 18.55
C LEU A 87 -19.55 11.20 20.05
N PHE A 88 -18.62 11.95 20.61
CA PHE A 88 -18.62 12.22 22.05
C PHE A 88 -18.14 13.64 22.29
N GLY A 89 -18.76 14.32 23.26
CA GLY A 89 -18.40 15.69 23.57
C GLY A 89 -18.44 15.97 25.06
N LEU A 90 -17.50 16.80 25.48
CA LEU A 90 -17.53 17.40 26.81
C LEU A 90 -17.38 18.88 26.51
N SER A 91 -18.31 19.70 27.00
CA SER A 91 -18.27 21.11 26.63
C SER A 91 -18.82 22.05 27.68
N ASN A 92 -18.37 23.31 27.60
CA ASN A 92 -19.03 24.42 28.26
C ASN A 92 -20.12 24.89 27.31
N SER A 93 -21.37 24.64 27.67
CA SER A 93 -22.49 24.99 26.80
C SER A 93 -22.95 26.44 26.93
N LYS A 94 -22.21 27.27 27.69
CA LYS A 94 -22.72 28.61 28.01
C LYS A 94 -22.37 29.68 26.98
N ALA A 95 -23.19 30.74 26.96
CA ALA A 95 -22.97 31.88 26.07
C ALA A 95 -21.55 32.42 26.20
N GLY A 96 -20.88 32.64 25.07
CA GLY A 96 -19.54 33.19 25.11
C GLY A 96 -18.42 32.16 25.18
N PHE A 97 -18.76 30.89 25.37
CA PHE A 97 -17.74 29.84 25.53
C PHE A 97 -17.84 28.74 24.48
N LYS A 98 -18.17 29.15 23.25
CA LYS A 98 -18.31 28.26 22.11
C LYS A 98 -17.09 27.41 21.82
N ASN A 99 -15.92 27.94 22.17
CA ASN A 99 -14.66 27.30 21.81
C ASN A 99 -14.02 26.66 23.02
N ASN A 100 -14.85 26.22 23.96
CA ASN A 100 -14.41 25.50 25.14
C ASN A 100 -15.04 24.10 25.16
N TYR A 101 -14.39 23.15 24.51
CA TYR A 101 -14.92 21.79 24.46
C TYR A 101 -13.86 20.78 24.07
N PHE A 102 -14.08 19.54 24.51
CA PHE A 102 -13.40 18.38 23.97
C PHE A 102 -14.39 17.59 23.14
N SER A 103 -13.94 17.06 22.02
CA SER A 103 -14.80 16.22 21.19
C SER A 103 -13.99 15.11 20.54
N ILE A 104 -14.65 13.98 20.34
CA ILE A 104 -14.13 12.93 19.47
C ILE A 104 -15.00 13.00 18.22
N PHE A 105 -14.39 13.24 17.05
CA PHE A 105 -15.18 13.41 15.83
C PHE A 105 -14.71 12.49 14.72
N MET A 106 -15.56 12.32 13.71
CA MET A 106 -15.21 11.58 12.51
C MET A 106 -15.74 12.33 11.29
N ARG A 107 -15.20 12.01 10.10
CA ARG A 107 -15.73 12.53 8.84
C ARG A 107 -16.24 11.38 7.98
N ASP A 108 -17.04 11.69 6.96
CA ASP A 108 -17.53 10.63 6.07
C ASP A 108 -16.45 10.11 5.10
N SER A 109 -15.24 10.65 5.22
CA SER A 109 -14.07 10.12 4.51
C SER A 109 -13.44 8.96 5.28
N GLY A 110 -13.90 8.73 6.51
CA GLY A 110 -13.31 7.71 7.37
C GLY A 110 -12.27 8.26 8.33
N GLU A 111 -12.06 9.58 8.26
CA GLU A 111 -11.14 10.24 9.18
C GLU A 111 -11.69 10.28 10.62
N ILE A 112 -10.80 10.11 11.60
CA ILE A 112 -11.14 10.21 13.02
C ILE A 112 -10.25 11.27 13.63
N GLY A 113 -10.72 11.93 14.67
CA GLY A 113 -9.85 12.84 15.41
C GLY A 113 -10.48 13.38 16.68
N VAL A 114 -9.73 14.22 17.38
CA VAL A 114 -10.26 14.95 18.52
C VAL A 114 -9.96 16.45 18.39
N GLU A 115 -10.76 17.24 19.10
CA GLU A 115 -10.47 18.64 19.38
C GLU A 115 -10.40 18.79 20.89
N ILE A 116 -9.50 19.66 21.36
CA ILE A 116 -9.39 19.98 22.79
C ILE A 116 -9.15 21.48 22.89
N ARG A 117 -10.20 22.20 23.25
CA ARG A 117 -10.20 23.66 23.15
C ARG A 117 -10.60 24.32 24.45
N ASP A 118 -9.90 25.40 24.78
CA ASP A 118 -10.21 26.20 25.96
C ASP A 118 -9.73 27.61 25.65
N ALA A 119 -10.66 28.54 25.49
CA ALA A 119 -10.32 29.88 25.02
C ALA A 119 -9.51 30.65 26.06
N GLN A 120 -9.82 30.43 27.32
CA GLN A 120 -9.13 31.16 28.39
C GLN A 120 -7.64 30.77 28.44
N LYS A 121 -7.36 29.50 28.16
CA LYS A 121 -5.99 29.00 28.14
C LYS A 121 -5.31 29.30 26.81
N GLY A 122 -6.09 29.78 25.84
CA GLY A 122 -5.56 30.01 24.49
C GLY A 122 -5.05 28.73 23.84
N ILE A 123 -5.78 27.64 24.06
CA ILE A 123 -5.43 26.34 23.48
C ILE A 123 -6.50 25.84 22.52
N ASN A 124 -6.11 25.51 21.28
CA ASN A 124 -7.02 24.89 20.32
C ASN A 124 -6.35 23.72 19.63
N TYR A 125 -6.35 22.56 20.28
CA TYR A 125 -5.70 21.38 19.72
C TYR A 125 -6.66 20.65 18.80
N LEU A 126 -6.15 20.22 17.64
CA LEU A 126 -6.88 19.29 16.80
C LEU A 126 -5.91 18.21 16.33
N PHE A 127 -6.21 16.97 16.67
CA PHE A 127 -5.39 15.85 16.22
C PHE A 127 -6.33 14.93 15.46
N SER A 128 -5.87 14.42 14.31
CA SER A 128 -6.69 13.48 13.54
C SER A 128 -5.85 12.64 12.61
N ARG A 129 -6.45 11.59 12.05
CA ARG A 129 -5.82 10.86 10.95
C ARG A 129 -6.88 10.38 9.98
N PRO A 130 -6.68 10.68 8.68
CA PRO A 130 -7.61 10.19 7.65
C PRO A 130 -7.67 8.67 7.63
N ALA A 131 -8.65 8.09 6.93
CA ALA A 131 -8.68 6.66 6.67
C ALA A 131 -8.46 5.76 7.91
N SER A 132 -9.21 6.01 8.97
CA SER A 132 -9.02 5.27 10.21
C SER A 132 -10.18 4.32 10.52
N LEU A 133 -11.25 4.37 9.72
CA LEU A 133 -12.48 3.67 10.10
C LEU A 133 -12.95 2.60 9.11
N TRP A 134 -13.78 1.67 9.61
CA TRP A 134 -14.63 0.87 8.73
C TRP A 134 -16.09 1.32 8.83
N GLY A 135 -16.83 1.11 7.76
CA GLY A 135 -18.24 1.47 7.73
C GLY A 135 -19.09 0.22 7.69
N LYS A 136 -18.94 -0.57 6.64
CA LYS A 136 -19.71 -1.79 6.42
C LYS A 136 -18.82 -2.93 5.96
N HIS A 137 -19.22 -4.15 6.26
CA HIS A 137 -18.52 -5.34 5.76
C HIS A 137 -19.57 -6.42 5.51
N LYS A 138 -19.60 -6.95 4.29
CA LYS A 138 -20.62 -7.91 3.89
C LYS A 138 -22.01 -7.35 4.16
N GLY A 139 -22.20 -6.07 3.82
CA GLY A 139 -23.51 -5.46 3.97
C GLY A 139 -23.93 -5.07 5.38
N GLN A 140 -23.12 -5.44 6.37
CA GLN A 140 -23.43 -5.14 7.77
C GLN A 140 -22.51 -4.08 8.38
N ALA A 141 -23.10 -3.21 9.19
CA ALA A 141 -22.36 -2.14 9.86
C ALA A 141 -21.25 -2.71 10.75
N VAL A 142 -20.04 -2.18 10.58
CA VAL A 142 -18.88 -2.63 11.35
C VAL A 142 -18.81 -1.96 12.72
N GLU A 143 -18.60 -2.77 13.76
CA GLU A 143 -18.34 -2.21 15.08
C GLU A 143 -16.87 -1.80 15.17
N ASN A 144 -16.61 -0.49 15.13
CA ASN A 144 -15.27 0.03 15.33
C ASN A 144 -14.95 0.11 16.81
N THR A 145 -13.69 -0.18 17.16
CA THR A 145 -13.27 -0.10 18.56
C THR A 145 -12.26 1.04 18.69
N LEU A 146 -12.68 2.09 19.38
CA LEU A 146 -11.87 3.30 19.51
C LEU A 146 -11.36 3.43 20.93
N VAL A 147 -10.06 3.69 21.07
CA VAL A 147 -9.49 3.93 22.39
C VAL A 147 -8.71 5.23 22.32
N PHE A 148 -9.15 6.23 23.09
CA PHE A 148 -8.43 7.49 23.19
C PHE A 148 -7.82 7.63 24.58
N VAL A 149 -6.50 7.86 24.62
CA VAL A 149 -5.79 8.01 25.88
C VAL A 149 -5.25 9.43 26.02
N SER A 150 -5.64 10.07 27.14
CA SER A 150 -5.19 11.43 27.45
C SER A 150 -4.28 11.37 28.67
N ASP A 151 -2.99 11.53 28.45
CA ASP A 151 -1.99 11.22 29.49
C ASP A 151 -1.32 12.50 29.98
N SER A 152 -1.65 12.93 31.20
CA SER A 152 -1.11 14.20 31.70
C SER A 152 0.36 14.09 32.09
N LYS A 153 0.78 12.90 32.50
CA LYS A 153 2.16 12.73 32.95
C LYS A 153 3.14 12.83 31.79
N ASP A 154 2.86 12.11 30.72
CA ASP A 154 3.67 12.17 29.51
C ASP A 154 3.23 13.31 28.60
N LYS A 155 2.19 14.05 28.99
CA LYS A 155 1.63 15.14 28.19
C LYS A 155 1.33 14.70 26.76
N THR A 156 0.71 13.53 26.62
CA THR A 156 0.55 12.91 25.32
C THR A 156 -0.90 12.44 25.08
N TYR A 157 -1.43 12.76 23.90
CA TYR A 157 -2.73 12.24 23.48
C TYR A 157 -2.54 11.14 22.45
N THR A 158 -3.18 9.99 22.67
CA THR A 158 -3.02 8.85 21.78
C THR A 158 -4.35 8.23 21.37
N MET A 159 -4.52 8.03 20.07
CA MET A 159 -5.75 7.45 19.54
C MET A 159 -5.52 6.09 18.86
N TYR A 160 -6.29 5.09 19.28
CA TYR A 160 -6.29 3.81 18.59
C TYR A 160 -7.66 3.58 18.00
N VAL A 161 -7.72 3.02 16.79
CA VAL A 161 -8.99 2.56 16.24
C VAL A 161 -8.79 1.16 15.66
N ASN A 162 -9.62 0.23 16.09
CA ASN A 162 -9.55 -1.14 15.63
C ASN A 162 -8.17 -1.77 15.81
N GLY A 163 -7.49 -1.42 16.91
CA GLY A 163 -6.22 -2.05 17.25
C GLY A 163 -5.02 -1.38 16.63
N ILE A 164 -5.25 -0.24 15.97
CA ILE A 164 -4.20 0.45 15.24
C ILE A 164 -4.04 1.84 15.80
N GLU A 165 -2.80 2.19 16.17
CA GLU A 165 -2.54 3.52 16.67
C GLU A 165 -2.56 4.46 15.47
N VAL A 166 -3.50 5.40 15.45
CA VAL A 166 -3.60 6.29 14.29
C VAL A 166 -2.95 7.65 14.57
N PHE A 167 -2.81 8.02 15.84
CA PHE A 167 -1.94 9.15 16.19
C PHE A 167 -1.50 9.16 17.65
N SER A 168 -0.35 9.76 17.89
CA SER A 168 0.20 9.90 19.24
C SER A 168 0.90 11.25 19.30
N GLU A 169 0.35 12.18 20.07
CA GLU A 169 0.84 13.54 20.03
C GLU A 169 1.23 14.07 21.40
N THR A 170 2.48 14.50 21.52
CA THR A 170 2.97 15.11 22.76
C THR A 170 2.93 16.63 22.63
N VAL A 171 2.54 17.32 23.70
CA VAL A 171 2.52 18.79 23.67
C VAL A 171 3.33 19.37 24.80
N ASP A 172 3.72 20.63 24.64
CA ASP A 172 4.40 21.35 25.70
C ASP A 172 3.43 21.73 26.80
N THR A 173 2.24 22.21 26.40
CA THR A 173 1.23 22.61 27.36
C THR A 173 0.06 21.65 27.31
N PHE A 174 -0.01 20.75 28.28
CA PHE A 174 -1.05 19.73 28.26
C PHE A 174 -2.38 20.29 28.72
N LEU A 175 -3.46 19.83 28.09
CA LEU A 175 -4.81 20.23 28.50
C LEU A 175 -5.66 18.99 28.81
N PRO A 176 -5.93 18.76 30.11
CA PRO A 176 -6.79 17.64 30.50
C PRO A 176 -8.19 17.86 29.92
N ILE A 177 -8.82 16.79 29.43
CA ILE A 177 -10.04 16.94 28.65
C ILE A 177 -11.24 17.40 29.47
N SER A 178 -11.18 17.20 30.78
CA SER A 178 -12.26 17.64 31.65
C SER A 178 -11.84 18.83 32.49
N ASN A 179 -10.64 19.35 32.22
CA ASN A 179 -10.20 20.57 32.89
C ASN A 179 -10.39 21.82 32.03
N ILE A 180 -11.17 21.70 30.96
CA ILE A 180 -11.56 22.85 30.17
C ILE A 180 -12.48 23.75 31.01
N ASN A 181 -12.19 25.05 30.97
CA ASN A 181 -12.90 26.05 31.78
CA ASN A 181 -12.91 26.03 31.79
C ASN A 181 -14.42 26.01 31.58
N GLY A 182 -15.16 25.72 32.66
CA GLY A 182 -16.61 25.79 32.63
C GLY A 182 -17.38 24.62 32.01
N ILE A 183 -16.73 23.48 31.82
CA ILE A 183 -17.42 22.32 31.27
C ILE A 183 -18.70 22.03 32.07
N ASP A 184 -19.81 21.86 31.38
CA ASP A 184 -21.09 21.61 32.07
C ASP A 184 -21.96 20.60 31.32
N LYS A 185 -21.41 20.04 30.23
CA LYS A 185 -22.16 19.08 29.42
C LYS A 185 -21.29 17.91 28.98
N ALA A 186 -21.83 16.70 29.11
CA ALA A 186 -21.26 15.51 28.49
C ALA A 186 -22.30 15.02 27.50
N THR A 187 -21.89 14.86 26.24
CA THR A 187 -22.84 14.63 25.16
C THR A 187 -22.41 13.51 24.20
N LEU A 188 -23.36 12.70 23.77
CA LEU A 188 -23.10 11.70 22.73
C LEU A 188 -23.80 12.14 21.45
N GLY A 189 -23.09 12.13 20.33
CA GLY A 189 -23.70 12.36 19.03
C GLY A 189 -23.83 13.84 18.67
N ALA A 190 -23.16 14.70 19.43
CA ALA A 190 -23.04 16.12 19.11
C ALA A 190 -22.11 16.78 20.11
N VAL A 191 -21.85 18.06 19.89
CA VAL A 191 -21.20 18.89 20.88
C VAL A 191 -22.15 20.05 21.16
N ASN A 192 -22.46 20.26 22.44
CA ASN A 192 -23.32 21.36 22.84
C ASN A 192 -22.52 22.66 22.94
N ARG A 193 -22.74 23.57 21.99
CA ARG A 193 -22.12 24.89 22.05
C ARG A 193 -23.19 25.96 22.15
N GLU A 194 -23.11 26.76 23.21
CA GLU A 194 -24.08 27.83 23.46
C GLU A 194 -25.52 27.33 23.34
N GLY A 195 -25.75 26.13 23.86
CA GLY A 195 -27.10 25.58 23.94
C GLY A 195 -27.59 24.85 22.70
N LYS A 196 -26.79 24.82 21.65
CA LYS A 196 -27.21 24.21 20.40
C LYS A 196 -26.39 22.97 20.01
N GLU A 197 -27.02 22.08 19.24
CA GLU A 197 -26.40 20.82 18.81
C GLU A 197 -25.49 21.01 17.61
N HIS A 198 -24.19 20.90 17.82
CA HIS A 198 -23.23 21.00 16.74
C HIS A 198 -22.69 19.63 16.35
N TYR A 199 -22.37 19.45 15.08
CA TYR A 199 -21.80 18.20 14.59
C TYR A 199 -22.68 17.00 14.91
N LEU A 200 -23.98 17.12 14.67
CA LEU A 200 -24.93 16.04 14.92
C LEU A 200 -24.50 14.77 14.20
N ALA A 201 -24.54 13.65 14.91
CA ALA A 201 -24.12 12.38 14.33
C ALA A 201 -25.27 11.48 13.95
N LYS A 202 -25.03 10.65 12.93
CA LYS A 202 -25.86 9.52 12.60
C LYS A 202 -25.00 8.28 12.80
N GLY A 203 -25.43 7.40 13.68
CA GLY A 203 -24.70 6.18 13.95
C GLY A 203 -25.22 5.58 15.24
N SER A 204 -24.41 4.73 15.86
CA SER A 204 -24.75 4.17 17.16
C SER A 204 -23.49 3.94 17.97
N ILE A 205 -23.61 4.10 19.28
CA ILE A 205 -22.52 3.77 20.20
C ILE A 205 -22.96 2.59 21.05
N ASP A 206 -22.49 1.40 20.70
CA ASP A 206 -22.98 0.22 21.38
C ASP A 206 -22.36 0.03 22.76
N GLU A 207 -21.18 0.62 22.96
CA GLU A 207 -20.49 0.56 24.25
C GLU A 207 -19.62 1.80 24.41
N ILE A 208 -19.71 2.47 25.55
CA ILE A 208 -18.75 3.52 25.86
C ILE A 208 -18.38 3.45 27.32
N SER A 209 -17.08 3.52 27.61
CA SER A 209 -16.57 3.47 28.97
C SER A 209 -15.54 4.56 29.10
N LEU A 210 -15.41 5.10 30.31
CA LEU A 210 -14.39 6.12 30.60
C LEU A 210 -13.67 5.76 31.90
N PHE A 211 -12.39 6.12 31.95
CA PHE A 211 -11.53 5.74 33.07
C PHE A 211 -10.74 6.95 33.49
N ASN A 212 -10.56 7.10 34.80
CA ASN A 212 -9.73 8.18 35.34
C ASN A 212 -8.28 7.74 35.41
N LYS A 213 -7.78 7.31 34.26
CA LYS A 213 -6.43 6.79 34.13
C LYS A 213 -6.05 6.81 32.66
N ALA A 214 -4.76 7.01 32.40
CA ALA A 214 -4.20 6.83 31.06
C ALA A 214 -3.71 5.39 31.01
N ILE A 215 -4.46 4.51 30.35
CA ILE A 215 -4.07 3.10 30.39
C ILE A 215 -2.89 2.84 29.46
N SER A 216 -2.09 1.82 29.79
CA SER A 216 -0.85 1.56 29.05
C SER A 216 -1.12 0.90 27.70
N ASP A 217 -0.13 1.01 26.82
CA ASP A 217 -0.19 0.36 25.51
C ASP A 217 -0.51 -1.13 25.66
N GLN A 218 0.03 -1.76 26.71
CA GLN A 218 -0.21 -3.18 26.98
C GLN A 218 -1.68 -3.39 27.29
N GLU A 219 -2.19 -2.62 28.24
CA GLU A 219 -3.61 -2.68 28.59
C GLU A 219 -4.51 -2.48 27.37
N VAL A 220 -4.17 -1.53 26.50
CA VAL A 220 -4.92 -1.31 25.26
C VAL A 220 -4.97 -2.58 24.42
N SER A 221 -3.85 -3.30 24.39
CA SER A 221 -3.76 -4.49 23.54
C SER A 221 -4.68 -5.63 24.01
N THR A 222 -5.23 -5.51 25.22
CA THR A 222 -6.11 -6.54 25.78
C THR A 222 -7.60 -6.29 25.51
N ILE A 223 -7.92 -5.08 25.05
CA ILE A 223 -9.31 -4.76 24.75
C ILE A 223 -9.75 -5.54 23.51
N PRO A 224 -10.85 -6.31 23.63
CA PRO A 224 -11.30 -7.15 22.51
C PRO A 224 -11.72 -6.31 21.32
N LEU A 225 -11.49 -6.82 20.12
CA LEU A 225 -11.82 -6.07 18.90
C LEU A 225 -12.89 -6.80 18.10
N SER A 226 -13.57 -6.10 17.20
CA SER A 226 -14.51 -6.76 16.30
C SER A 226 -14.13 -6.46 14.86
N ASN A 227 -12.86 -6.66 14.52
CA ASN A 227 -12.37 -6.23 13.22
C ASN A 227 -12.88 -7.11 12.07
N PRO A 228 -13.25 -6.48 10.95
CA PRO A 228 -13.66 -7.28 9.78
C PRO A 228 -12.45 -7.65 8.93
N PHE A 229 -11.28 -7.18 9.33
CA PHE A 229 -10.07 -7.34 8.53
C PHE A 229 -8.91 -7.91 9.34
N GLN A 230 -7.84 -8.28 8.65
CA GLN A 230 -6.60 -8.62 9.34
C GLN A 230 -5.42 -7.94 8.67
N LEU A 231 -4.29 -7.89 9.36
CA LEU A 231 -3.09 -7.35 8.76
C LEU A 231 -2.17 -8.49 8.40
N ILE A 232 -1.54 -8.38 7.23
CA ILE A 232 -0.52 -9.34 6.80
C ILE A 232 0.81 -8.66 7.06
N PHE A 233 0.99 -7.48 6.47
CA PHE A 233 2.16 -6.67 6.75
C PHE A 233 1.71 -5.51 7.65
N GLN A 234 2.54 -5.14 8.62
CA GLN A 234 2.15 -4.10 9.58
C GLN A 234 3.38 -3.45 10.22
N SER A 235 3.19 -2.21 10.67
CA SER A 235 4.25 -1.44 11.29
C SER A 235 4.87 -2.22 12.46
N GLY A 236 6.19 -2.29 12.48
CA GLY A 236 6.89 -2.94 13.57
C GLY A 236 7.15 -4.42 13.31
N ASP A 237 6.79 -4.91 12.13
CA ASP A 237 7.07 -6.31 11.82
C ASP A 237 8.51 -6.48 11.37
N SER A 238 8.87 -7.67 10.89
CA SER A 238 10.24 -7.99 10.50
C SER A 238 10.82 -7.07 9.40
N THR A 239 9.97 -6.39 8.63
CA THR A 239 10.46 -5.51 7.57
C THR A 239 10.98 -4.22 8.18
N GLN A 240 10.45 -3.86 9.34
CA GLN A 240 10.74 -2.56 9.96
C GLN A 240 10.42 -1.34 9.06
N ALA A 241 9.57 -1.54 8.05
CA ALA A 241 9.03 -0.38 7.31
C ALA A 241 7.77 0.09 8.04
N ASN A 242 7.59 1.40 8.16
CA ASN A 242 6.40 1.90 8.85
C ASN A 242 5.22 1.96 7.90
N TYR A 243 5.48 1.73 6.61
CA TYR A 243 4.48 1.92 5.55
C TYR A 243 4.53 0.82 4.50
N PHE A 244 3.39 0.58 3.83
CA PHE A 244 3.34 -0.42 2.77
C PHE A 244 2.41 0.05 1.66
N ARG A 245 2.72 -0.35 0.44
CA ARG A 245 1.86 -0.07 -0.69
C ARG A 245 2.05 -1.17 -1.71
N ILE A 246 1.14 -1.25 -2.67
CA ILE A 246 1.26 -2.18 -3.80
C ILE A 246 1.19 -3.66 -3.39
N PRO A 247 0.03 -4.12 -2.85
CA PRO A 247 -0.16 -5.51 -2.45
C PRO A 247 -0.35 -6.43 -3.65
N THR A 248 0.07 -7.69 -3.50
CA THR A 248 -0.20 -8.73 -4.47
C THR A 248 -0.67 -9.97 -3.70
N LEU A 249 -1.35 -10.88 -4.39
CA LEU A 249 -1.77 -12.15 -3.82
C LEU A 249 -1.76 -13.17 -4.92
N TYR A 250 -1.35 -14.40 -4.61
CA TYR A 250 -1.32 -15.45 -5.60
C TYR A 250 -1.45 -16.79 -4.89
N THR A 251 -2.34 -17.63 -5.39
CA THR A 251 -2.57 -18.95 -4.80
C THR A 251 -1.71 -19.99 -5.47
N LEU A 252 -0.83 -20.62 -4.69
CA LEU A 252 0.09 -21.62 -5.21
C LEU A 252 -0.58 -22.99 -5.27
N SER A 253 -0.03 -23.88 -6.10
CA SER A 253 -0.63 -25.19 -6.35
C SER A 253 -0.73 -26.06 -5.11
N SER A 254 0.19 -25.85 -4.16
CA SER A 254 0.21 -26.61 -2.91
C SER A 254 -0.93 -26.18 -2.00
N GLY A 255 -1.53 -25.02 -2.32
CA GLY A 255 -2.59 -24.47 -1.49
C GLY A 255 -2.11 -23.27 -0.67
N ARG A 256 -0.79 -23.12 -0.56
CA ARG A 256 -0.21 -21.95 0.09
C ARG A 256 -0.61 -20.70 -0.68
N VAL A 257 -1.01 -19.65 0.05
CA VAL A 257 -1.33 -18.36 -0.56
C VAL A 257 -0.15 -17.42 -0.31
N LEU A 258 0.40 -16.84 -1.37
CA LEU A 258 1.58 -16.00 -1.24
C LEU A 258 1.21 -14.54 -1.53
N SER A 259 1.82 -13.63 -0.76
CA SER A 259 1.60 -12.20 -0.93
C SER A 259 2.93 -11.47 -1.03
N SER A 260 3.00 -10.46 -1.89
CA SER A 260 4.16 -9.58 -1.93
C SER A 260 3.68 -8.14 -1.78
N ILE A 261 4.62 -7.24 -1.53
CA ILE A 261 4.28 -5.84 -1.24
C ILE A 261 5.52 -4.96 -1.23
N ASP A 262 5.33 -3.67 -1.52
CA ASP A 262 6.38 -2.67 -1.32
C ASP A 262 6.48 -2.43 0.18
N ALA A 263 7.62 -2.69 0.78
CA ALA A 263 7.85 -2.25 2.16
C ALA A 263 8.51 -0.88 2.08
N ARG A 264 7.75 0.20 2.35
CA ARG A 264 8.25 1.55 2.09
C ARG A 264 8.67 2.26 3.36
N TYR A 265 9.93 2.71 3.36
CA TYR A 265 10.53 3.23 4.57
C TYR A 265 10.34 4.75 4.73
N GLY A 266 10.52 5.48 3.64
CA GLY A 266 10.45 6.94 3.68
C GLY A 266 9.04 7.44 3.46
N GLY A 267 8.13 7.12 4.37
CA GLY A 267 6.72 7.41 4.16
C GLY A 267 6.21 6.59 2.98
N THR A 268 5.07 6.99 2.42
CA THR A 268 4.42 6.21 1.36
C THR A 268 4.77 6.66 -0.05
N HIS A 269 5.73 7.57 -0.18
CA HIS A 269 6.19 8.05 -1.49
C HIS A 269 6.66 6.93 -2.42
N ASP A 270 6.34 7.01 -3.71
CA ASP A 270 6.99 6.16 -4.72
C ASP A 270 8.47 6.54 -4.76
N SER A 271 9.29 5.67 -5.37
CA SER A 271 10.70 5.98 -5.63
C SER A 271 10.80 7.33 -6.36
N LYS A 272 11.82 8.14 -6.09
CA LYS A 272 12.96 7.81 -5.21
C LYS A 272 12.60 7.71 -3.73
N SER A 273 13.13 6.69 -3.06
CA SER A 273 12.91 6.47 -1.63
C SER A 273 13.77 5.28 -1.22
N LYS A 274 13.53 4.74 -0.03
CA LYS A 274 14.00 3.40 0.29
C LYS A 274 12.77 2.53 0.29
N ILE A 275 12.77 1.51 -0.56
CA ILE A 275 11.69 0.53 -0.61
C ILE A 275 12.30 -0.83 -0.88
N ASN A 276 11.90 -1.83 -0.11
CA ASN A 276 12.23 -3.23 -0.36
C ASN A 276 10.96 -3.98 -0.79
N ILE A 277 11.11 -5.16 -1.38
CA ILE A 277 9.97 -6.05 -1.62
C ILE A 277 9.91 -7.15 -0.57
N ALA A 278 8.80 -7.24 0.16
CA ALA A 278 8.63 -8.24 1.21
C ALA A 278 7.55 -9.23 0.84
N THR A 279 7.62 -10.44 1.41
CA THR A 279 6.60 -11.46 1.15
C THR A 279 6.18 -12.13 2.44
N SER A 280 4.98 -12.71 2.42
CA SER A 280 4.40 -13.46 3.55
C SER A 280 3.50 -14.49 2.90
N TYR A 281 3.28 -15.63 3.56
CA TYR A 281 2.37 -16.62 3.00
C TYR A 281 1.41 -17.15 4.07
N SER A 282 0.31 -17.74 3.61
CA SER A 282 -0.65 -18.37 4.49
C SER A 282 -0.86 -19.82 4.07
N ASP A 283 -0.84 -20.73 5.04
CA ASP A 283 -1.07 -22.15 4.74
C ASP A 283 -2.43 -22.62 5.21
N ASP A 284 -3.24 -21.70 5.74
CA ASP A 284 -4.57 -22.07 6.24
C ASP A 284 -5.67 -21.19 5.63
N ASN A 285 -5.63 -21.01 4.30
CA ASN A 285 -6.65 -20.22 3.59
C ASN A 285 -6.74 -18.77 4.04
N GLY A 286 -5.61 -18.14 4.35
CA GLY A 286 -5.60 -16.73 4.72
C GLY A 286 -5.88 -16.40 6.18
N LYS A 287 -6.19 -17.42 6.99
CA LYS A 287 -6.44 -17.17 8.41
C LYS A 287 -5.22 -16.60 9.15
N THR A 288 -4.05 -17.16 8.89
CA THR A 288 -2.81 -16.65 9.50
C THR A 288 -1.72 -16.55 8.45
N TRP A 289 -0.73 -15.68 8.72
CA TRP A 289 0.25 -15.28 7.75
C TRP A 289 1.62 -15.30 8.41
N SER A 290 2.65 -15.66 7.64
CA SER A 290 3.99 -15.81 8.19
C SER A 290 4.63 -14.46 8.45
N GLU A 291 5.59 -14.42 9.37
CA GLU A 291 6.38 -13.19 9.51
C GLU A 291 7.08 -12.91 8.18
N PRO A 292 7.00 -11.66 7.71
CA PRO A 292 7.52 -11.35 6.38
C PRO A 292 9.03 -11.56 6.26
N ILE A 293 9.47 -11.87 5.04
CA ILE A 293 10.89 -11.89 4.70
C ILE A 293 11.03 -11.00 3.47
N PHE A 294 12.26 -10.65 3.11
CA PHE A 294 12.47 -9.90 1.88
C PHE A 294 12.65 -10.77 0.65
N ALA A 295 11.98 -10.41 -0.45
CA ALA A 295 12.29 -11.00 -1.76
C ALA A 295 13.38 -10.22 -2.48
N MET A 296 13.36 -8.89 -2.32
CA MET A 296 14.37 -8.01 -2.90
C MET A 296 14.68 -6.86 -1.94
N LYS A 297 15.95 -6.68 -1.63
CA LYS A 297 16.33 -5.62 -0.69
C LYS A 297 17.67 -5.01 -1.04
N PHE A 298 17.86 -3.75 -0.68
CA PHE A 298 19.18 -3.13 -0.77
C PHE A 298 19.58 -2.74 0.64
N ASN A 299 20.88 -2.59 0.90
CA ASN A 299 21.33 -2.20 2.23
C ASN A 299 22.15 -0.92 2.30
N ASP A 300 22.11 -0.10 1.25
CA ASP A 300 22.82 1.17 1.28
C ASP A 300 22.27 2.08 2.38
N TYR A 301 20.99 1.90 2.72
CA TYR A 301 20.35 2.64 3.80
C TYR A 301 19.78 1.65 4.80
N GLU A 302 19.83 2.00 6.09
CA GLU A 302 19.28 1.17 7.16
C GLU A 302 17.77 0.96 7.02
N GLU A 303 17.29 -0.23 7.40
CA GLU A 303 15.87 -0.48 7.54
C GLU A 303 15.36 0.20 8.81
N GLN A 304 14.91 1.45 8.69
CA GLN A 304 14.44 2.20 9.86
C GLN A 304 12.92 2.34 9.87
N LEU A 305 12.33 2.07 11.03
CA LEU A 305 10.91 2.31 11.24
C LEU A 305 10.73 3.78 11.63
N VAL A 306 10.33 4.60 10.68
CA VAL A 306 10.30 6.05 10.87
C VAL A 306 8.89 6.63 10.80
N TYR A 307 8.59 7.55 11.71
CA TYR A 307 7.32 8.27 11.63
C TYR A 307 7.48 9.47 10.71
N TRP A 308 7.02 9.32 9.46
CA TRP A 308 7.21 10.38 8.46
C TRP A 308 6.27 11.58 8.72
N PRO A 309 6.83 12.80 8.71
CA PRO A 309 6.01 13.98 9.01
C PRO A 309 4.84 14.12 8.02
N ARG A 310 3.68 14.54 8.53
CA ARG A 310 2.49 14.70 7.70
C ARG A 310 2.07 16.15 7.55
N ASP A 311 2.83 17.08 8.13
CA ASP A 311 2.51 18.51 7.99
C ASP A 311 2.87 18.98 6.58
N ASN A 312 2.23 20.05 6.13
CA ASN A 312 2.39 20.55 4.77
C ASN A 312 3.80 21.00 4.41
N LYS A 313 4.56 21.43 5.41
CA LYS A 313 5.93 21.89 5.17
C LYS A 313 6.91 20.74 4.90
N LEU A 314 6.69 19.59 5.54
CA LEU A 314 7.67 18.49 5.49
C LEU A 314 7.19 17.19 4.86
N LYS A 315 5.89 17.05 4.58
CA LYS A 315 5.37 15.75 4.15
C LYS A 315 5.95 15.29 2.83
N ASN A 316 6.46 16.21 2.02
CA ASN A 316 7.11 15.84 0.77
C ASN A 316 8.60 15.55 0.91
N SER A 317 9.09 15.55 2.14
CA SER A 317 10.43 15.03 2.40
C SER A 317 10.56 13.65 1.78
N GLN A 318 11.69 13.43 1.11
CA GLN A 318 11.85 12.22 0.33
C GLN A 318 13.28 11.71 0.45
N ILE A 319 13.43 10.45 0.82
CA ILE A 319 14.75 9.84 0.86
C ILE A 319 15.34 9.88 -0.55
N SER A 320 16.47 10.57 -0.70
CA SER A 320 16.92 10.98 -2.01
C SER A 320 18.22 10.35 -2.46
N GLY A 321 18.82 9.54 -1.60
CA GLY A 321 20.07 8.90 -1.95
C GLY A 321 20.07 7.38 -1.87
N SER A 322 18.90 6.78 -1.67
CA SER A 322 18.78 5.32 -1.54
C SER A 322 18.35 4.62 -2.85
N ALA A 323 18.86 3.42 -3.06
CA ALA A 323 18.36 2.57 -4.12
C ALA A 323 17.06 1.94 -3.63
N SER A 324 16.23 1.44 -4.54
CA SER A 324 14.94 0.88 -4.13
C SER A 324 14.37 -0.09 -5.16
N PHE A 325 13.39 -0.88 -4.72
CA PHE A 325 12.57 -1.72 -5.59
C PHE A 325 11.16 -1.19 -5.47
N ILE A 326 10.31 -1.42 -6.47
CA ILE A 326 8.95 -0.88 -6.43
C ILE A 326 8.08 -1.60 -7.44
N ASP A 327 6.80 -1.82 -7.08
CA ASP A 327 5.84 -2.50 -7.93
C ASP A 327 6.22 -3.97 -8.22
N SER A 328 5.77 -4.90 -7.39
CA SER A 328 6.10 -6.30 -7.63
C SER A 328 4.95 -7.07 -8.27
N SER A 329 5.28 -8.26 -8.78
CA SER A 329 4.31 -9.13 -9.43
C SER A 329 4.81 -10.56 -9.28
N ILE A 330 3.88 -11.52 -9.14
CA ILE A 330 4.19 -12.91 -8.82
C ILE A 330 3.53 -13.87 -9.81
N VAL A 331 4.19 -14.99 -10.08
CA VAL A 331 3.56 -16.07 -10.83
C VAL A 331 4.17 -17.40 -10.39
N GLU A 332 3.45 -18.50 -10.63
CA GLU A 332 3.99 -19.82 -10.33
C GLU A 332 4.16 -20.61 -11.61
N ASP A 333 5.31 -21.28 -11.75
CA ASP A 333 5.59 -22.08 -12.94
C ASP A 333 5.32 -23.55 -12.69
N LYS A 334 4.41 -24.13 -13.46
CA LYS A 334 4.01 -25.53 -13.30
C LYS A 334 5.19 -26.47 -13.51
N LYS A 335 5.98 -26.18 -14.54
CA LYS A 335 7.03 -27.11 -14.92
C LYS A 335 8.10 -27.27 -13.85
N SER A 336 8.76 -26.18 -13.48
CA SER A 336 9.83 -26.25 -12.48
C SER A 336 9.25 -26.33 -11.07
N GLY A 337 8.05 -25.77 -10.87
CA GLY A 337 7.48 -25.69 -9.54
C GLY A 337 7.93 -24.44 -8.81
N LYS A 338 8.80 -23.66 -9.46
CA LYS A 338 9.32 -22.42 -8.87
C LYS A 338 8.27 -21.33 -8.79
N THR A 339 8.45 -20.43 -7.82
CA THR A 339 7.68 -19.19 -7.76
C THR A 339 8.57 -18.09 -8.33
N ILE A 340 8.00 -17.24 -9.19
CA ILE A 340 8.76 -16.18 -9.82
C ILE A 340 8.18 -14.84 -9.40
N LEU A 341 9.06 -13.92 -9.04
CA LEU A 341 8.67 -12.58 -8.60
C LEU A 341 9.51 -11.54 -9.35
N LEU A 342 8.83 -10.60 -10.00
CA LEU A 342 9.49 -9.49 -10.68
C LEU A 342 9.17 -8.18 -9.95
N ALA A 343 10.07 -7.20 -10.07
CA ALA A 343 9.80 -5.85 -9.56
C ALA A 343 10.65 -4.85 -10.35
N ASP A 344 10.26 -3.57 -10.33
CA ASP A 344 11.12 -2.53 -10.89
C ASP A 344 12.30 -2.32 -9.93
N VAL A 345 13.48 -1.98 -10.47
CA VAL A 345 14.63 -1.62 -9.64
C VAL A 345 15.07 -0.21 -9.96
N MET A 346 15.37 0.57 -8.93
CA MET A 346 15.81 1.95 -9.09
C MET A 346 17.15 2.15 -8.38
N PRO A 347 18.16 2.63 -9.12
CA PRO A 347 19.45 2.92 -8.50
C PRO A 347 19.27 4.09 -7.55
N ALA A 348 20.32 4.40 -6.79
CA ALA A 348 20.22 5.41 -5.74
C ALA A 348 19.71 6.76 -6.25
N GLY A 349 18.73 7.30 -5.52
CA GLY A 349 18.18 8.61 -5.86
C GLY A 349 17.28 8.62 -7.08
N ILE A 350 16.97 7.44 -7.62
CA ILE A 350 16.19 7.38 -8.86
C ILE A 350 14.74 6.94 -8.66
N GLY A 351 13.84 7.60 -9.38
CA GLY A 351 12.45 7.19 -9.45
C GLY A 351 11.96 7.52 -10.85
N ASN A 352 10.68 7.29 -11.09
CA ASN A 352 10.05 7.60 -12.36
C ASN A 352 10.32 9.04 -12.81
N ASN A 353 10.26 9.97 -11.87
CA ASN A 353 10.40 11.40 -12.14
CA ASN A 353 10.37 11.39 -12.18
C ASN A 353 11.72 11.80 -12.79
N ASN A 354 12.82 11.21 -12.32
CA ASN A 354 14.13 11.62 -12.80
C ASN A 354 14.91 10.52 -13.52
N ALA A 355 14.24 9.41 -13.83
CA ALA A 355 14.91 8.31 -14.54
C ALA A 355 15.33 8.77 -15.92
N ASN A 356 16.55 8.44 -16.31
CA ASN A 356 17.01 8.69 -17.67
C ASN A 356 16.15 7.92 -18.66
N LYS A 357 15.25 8.62 -19.33
CA LYS A 357 14.49 8.04 -20.42
CA LYS A 357 14.49 8.03 -20.41
C LYS A 357 15.44 7.99 -21.61
N ALA A 358 15.16 7.13 -22.59
CA ALA A 358 16.04 6.98 -23.75
C ALA A 358 17.41 6.35 -23.46
N ASP A 359 17.52 5.65 -22.34
CA ASP A 359 18.70 4.82 -22.09
C ASP A 359 18.28 3.60 -21.29
N SER A 360 18.53 2.42 -21.85
CA SER A 360 18.18 1.15 -21.20
C SER A 360 19.14 0.80 -20.08
N GLY A 361 20.31 1.44 -20.07
CA GLY A 361 21.35 1.08 -19.11
C GLY A 361 22.21 -0.09 -19.56
N PHE A 362 21.92 -0.63 -20.74
CA PHE A 362 22.71 -1.75 -21.27
C PHE A 362 23.41 -1.33 -22.56
N LYS A 363 24.56 -1.93 -22.84
CA LYS A 363 25.19 -1.78 -24.15
C LYS A 363 24.93 -3.04 -24.99
N GLU A 364 24.56 -2.85 -26.24
CA GLU A 364 24.28 -3.96 -27.14
C GLU A 364 25.52 -4.32 -27.95
N ILE A 365 25.92 -5.59 -27.89
CA ILE A 365 27.08 -6.08 -28.60
C ILE A 365 26.77 -7.42 -29.24
N ASN A 366 26.79 -7.45 -30.58
CA ASN A 366 26.44 -8.64 -31.34
C ASN A 366 25.10 -9.25 -30.94
N GLY A 367 24.11 -8.39 -30.67
CA GLY A 367 22.80 -8.86 -30.27
C GLY A 367 22.71 -9.32 -28.82
N HIS A 368 23.79 -9.15 -28.06
CA HIS A 368 23.77 -9.43 -26.62
C HIS A 368 23.82 -8.10 -25.85
N TYR A 369 23.20 -8.07 -24.67
CA TYR A 369 23.13 -6.85 -23.88
C TYR A 369 23.93 -6.92 -22.58
N TYR A 370 24.80 -5.94 -22.36
CA TYR A 370 25.62 -5.91 -21.15
C TYR A 370 25.38 -4.65 -20.31
N LEU A 371 25.26 -4.84 -18.99
CA LEU A 371 25.04 -3.73 -18.07
C LEU A 371 26.20 -2.76 -18.11
N LYS A 372 25.90 -1.48 -18.32
CA LYS A 372 26.94 -0.44 -18.34
C LYS A 372 27.26 0.03 -16.94
N LEU A 373 28.50 0.49 -16.76
CA LEU A 373 28.97 0.98 -15.47
C LEU A 373 29.83 2.23 -15.65
N LYS A 374 29.73 3.16 -14.69
CA LYS A 374 30.58 4.34 -14.69
C LYS A 374 31.46 4.31 -13.45
N LYS A 375 32.77 4.48 -13.64
CA LYS A 375 33.70 4.45 -12.51
C LYS A 375 33.88 5.84 -11.89
N ASN A 376 34.13 5.86 -10.57
CA ASN A 376 34.45 7.07 -9.83
C ASN A 376 35.47 7.93 -10.59
N GLY A 377 35.06 9.14 -10.96
CA GLY A 377 35.96 10.08 -11.62
C GLY A 377 35.69 10.28 -13.10
N ASP A 378 35.08 9.28 -13.74
CA ASP A 378 34.79 9.36 -15.17
C ASP A 378 33.56 10.21 -15.44
N ASN A 379 33.49 10.79 -16.64
CA ASN A 379 32.33 11.57 -17.04
C ASN A 379 31.36 10.75 -17.90
N ASP A 380 31.83 9.62 -18.40
CA ASP A 380 31.00 8.73 -19.21
C ASP A 380 31.00 7.30 -18.66
N PHE A 381 30.18 6.44 -19.26
CA PHE A 381 30.15 5.03 -18.87
C PHE A 381 31.12 4.24 -19.74
N ARG A 382 32.31 3.96 -19.22
CA ARG A 382 33.35 3.32 -20.01
C ARG A 382 33.51 1.84 -19.71
N TYR A 383 32.58 1.28 -18.93
CA TYR A 383 32.68 -0.13 -18.55
C TYR A 383 31.41 -0.92 -18.86
N THR A 384 31.54 -2.25 -18.88
CA THR A 384 30.40 -3.16 -18.98
C THR A 384 30.57 -4.33 -18.04
N VAL A 385 29.47 -5.03 -17.78
CA VAL A 385 29.49 -6.26 -17.01
C VAL A 385 29.24 -7.43 -17.98
N ARG A 386 30.26 -8.28 -18.16
CA ARG A 386 30.17 -9.40 -19.08
C ARG A 386 29.98 -10.70 -18.34
N GLU A 387 30.05 -11.80 -19.07
CA GLU A 387 29.80 -13.13 -18.49
C GLU A 387 30.71 -13.39 -17.29
N ASN A 388 30.12 -14.06 -16.29
CA ASN A 388 30.79 -14.35 -15.01
C ASN A 388 31.13 -13.08 -14.23
N GLY A 389 30.46 -11.99 -14.60
CA GLY A 389 30.49 -10.77 -13.83
C GLY A 389 31.76 -9.96 -14.03
N VAL A 390 32.52 -10.30 -15.06
CA VAL A 390 33.77 -9.61 -15.33
C VAL A 390 33.51 -8.17 -15.72
N VAL A 391 34.08 -7.23 -14.97
CA VAL A 391 34.01 -5.83 -15.35
C VAL A 391 35.01 -5.56 -16.48
N TYR A 392 34.48 -5.08 -17.60
CA TYR A 392 35.24 -4.94 -18.82
CA TYR A 392 35.25 -4.93 -18.82
C TYR A 392 35.40 -3.46 -19.17
N ASN A 393 36.60 -3.06 -19.58
CA ASN A 393 36.84 -1.67 -19.97
C ASN A 393 36.54 -1.50 -21.46
N GLU A 394 35.56 -0.67 -21.78
CA GLU A 394 35.12 -0.51 -23.17
C GLU A 394 36.10 0.32 -23.99
N THR A 395 36.77 1.26 -23.34
CA THR A 395 37.70 2.14 -24.03
C THR A 395 38.95 1.38 -24.48
N THR A 396 39.43 0.50 -23.61
CA THR A 396 40.64 -0.26 -23.88
C THR A 396 40.34 -1.72 -24.22
N ASN A 397 39.06 -2.04 -24.31
CA ASN A 397 38.59 -3.38 -24.67
C ASN A 397 39.26 -4.54 -23.96
N LYS A 398 39.41 -4.43 -22.64
CA LYS A 398 39.99 -5.50 -21.84
C LYS A 398 39.33 -5.62 -20.48
N PRO A 399 39.36 -6.83 -19.89
CA PRO A 399 38.81 -7.02 -18.55
C PRO A 399 39.65 -6.31 -17.50
N THR A 400 39.02 -5.93 -16.39
CA THR A 400 39.70 -5.25 -15.29
C THR A 400 39.94 -6.26 -14.19
N ASN A 401 40.51 -5.81 -13.07
CA ASN A 401 40.60 -6.70 -11.92
C ASN A 401 39.31 -6.67 -11.08
N TYR A 402 38.25 -6.08 -11.63
CA TYR A 402 36.97 -6.01 -10.92
C TYR A 402 35.96 -7.03 -11.45
N THR A 403 35.22 -7.65 -10.53
CA THR A 403 34.09 -8.48 -10.93
C THR A 403 32.82 -8.05 -10.20
N ILE A 404 31.68 -8.39 -10.79
CA ILE A 404 30.40 -8.16 -10.15
C ILE A 404 29.85 -9.51 -9.71
N ASN A 405 29.61 -9.68 -8.41
CA ASN A 405 29.08 -10.97 -7.98
C ASN A 405 27.60 -11.16 -8.28
N ASP A 406 27.00 -12.18 -7.68
CA ASP A 406 25.62 -12.52 -7.93
CA ASP A 406 25.62 -12.51 -7.95
C ASP A 406 24.64 -11.57 -7.25
N LYS A 407 25.14 -10.78 -6.30
CA LYS A 407 24.28 -9.81 -5.62
C LYS A 407 24.53 -8.40 -6.13
N TYR A 408 25.05 -8.30 -7.36
CA TYR A 408 25.48 -7.01 -7.93
C TYR A 408 26.41 -6.23 -7.02
N GLU A 409 27.24 -6.96 -6.28
CA GLU A 409 28.25 -6.35 -5.43
C GLU A 409 29.62 -6.32 -6.12
N VAL A 410 30.40 -5.26 -5.84
CA VAL A 410 31.69 -5.06 -6.49
C VAL A 410 32.82 -5.79 -5.75
N LEU A 411 33.57 -6.61 -6.48
CA LEU A 411 34.76 -7.27 -5.93
C LEU A 411 36.00 -6.76 -6.65
N GLU A 412 37.09 -6.56 -5.92
CA GLU A 412 38.39 -6.30 -6.56
C GLU A 412 39.36 -7.43 -6.20
N GLY A 413 39.80 -8.18 -7.20
CA GLY A 413 40.67 -9.33 -6.98
C GLY A 413 40.03 -10.38 -6.11
N GLY A 414 38.70 -10.49 -6.17
CA GLY A 414 37.98 -11.47 -5.39
C GLY A 414 37.65 -11.00 -3.97
N LYS A 415 38.14 -9.82 -3.61
CA LYS A 415 37.88 -9.21 -2.31
C LYS A 415 36.66 -8.29 -2.36
N SER A 416 35.75 -8.46 -1.40
CA SER A 416 34.56 -7.61 -1.26
C SER A 416 34.88 -6.18 -0.92
N LEU A 417 34.52 -5.24 -1.79
CA LEU A 417 34.57 -3.83 -1.42
C LEU A 417 33.31 -3.49 -0.63
N THR A 418 33.36 -2.42 0.15
CA THR A 418 32.24 -2.03 1.01
C THR A 418 31.99 -0.53 0.94
N VAL A 419 30.79 -0.10 1.36
CA VAL A 419 30.50 1.31 1.51
C VAL A 419 29.92 1.49 2.90
N GLU A 420 29.84 2.75 3.35
CA GLU A 420 29.25 3.02 4.65
C GLU A 420 27.74 3.20 4.46
N GLN A 421 26.96 2.58 5.34
CA GLN A 421 25.50 2.69 5.29
C GLN A 421 24.99 4.06 5.73
N TYR A 422 23.86 4.49 5.17
CA TYR A 422 23.20 5.72 5.61
C TYR A 422 22.02 5.42 6.52
N SER A 423 21.72 6.38 7.39
CA SER A 423 20.47 6.40 8.14
C SER A 423 19.81 7.77 7.94
N VAL A 424 18.51 7.86 8.19
CA VAL A 424 17.81 9.13 8.06
C VAL A 424 17.21 9.58 9.40
N ASP A 425 17.11 10.90 9.60
CA ASP A 425 16.46 11.44 10.79
C ASP A 425 15.89 12.83 10.49
N PHE A 426 14.98 13.29 11.35
CA PHE A 426 14.44 14.64 11.25
C PHE A 426 14.85 15.50 12.45
N ASP A 427 15.91 15.09 13.15
CA ASP A 427 16.32 15.79 14.37
C ASP A 427 16.61 17.27 14.17
N SER A 428 17.24 17.61 13.04
CA SER A 428 17.54 19.00 12.71
C SER A 428 16.27 19.79 12.40
N GLY A 429 15.13 19.10 12.32
CA GLY A 429 13.87 19.75 11.96
C GLY A 429 13.61 19.64 10.47
N SER A 430 14.47 18.90 9.78
CA SER A 430 14.23 18.56 8.38
C SER A 430 14.98 17.26 8.06
N LEU A 431 14.75 16.70 6.88
CA LEU A 431 15.30 15.38 6.59
C LEU A 431 16.81 15.43 6.37
N ARG A 432 17.54 14.60 7.09
CA ARG A 432 18.97 14.41 6.81
C ARG A 432 19.27 12.95 6.53
N GLU A 433 20.20 12.73 5.60
CA GLU A 433 20.68 11.38 5.28
C GLU A 433 22.18 11.36 5.53
N ARG A 434 22.59 10.57 6.53
CA ARG A 434 23.93 10.64 7.08
C ARG A 434 24.53 9.26 7.34
N HIS A 435 25.83 9.11 7.08
CA HIS A 435 26.55 7.87 7.36
C HIS A 435 26.41 7.41 8.81
N ASN A 436 26.17 6.11 9.00
CA ASN A 436 25.87 5.61 10.34
C ASN A 436 26.97 4.76 10.97
N GLY A 437 28.13 4.66 10.30
CA GLY A 437 29.26 3.91 10.81
C GLY A 437 29.32 2.43 10.43
N LYS A 438 28.25 1.93 9.81
CA LYS A 438 28.20 0.51 9.42
C LYS A 438 28.70 0.28 7.99
N GLN A 439 29.51 -0.76 7.80
CA GLN A 439 29.94 -1.12 6.45
C GLN A 439 29.06 -2.22 5.86
N VAL A 440 28.69 -2.06 4.60
CA VAL A 440 27.90 -3.06 3.89
C VAL A 440 28.55 -3.28 2.52
N PRO A 441 28.32 -4.46 1.91
CA PRO A 441 28.91 -4.75 0.60
C PRO A 441 28.60 -3.67 -0.42
N MET A 442 29.60 -3.29 -1.21
CA MET A 442 29.42 -2.24 -2.21
C MET A 442 28.64 -2.74 -3.42
N ASN A 443 27.49 -2.11 -3.68
CA ASN A 443 26.59 -2.54 -4.75
C ASN A 443 26.52 -1.51 -5.88
N VAL A 444 26.51 -1.97 -7.13
CA VAL A 444 26.51 -1.04 -8.28
C VAL A 444 25.26 -0.15 -8.37
N PHE A 445 24.24 -0.46 -7.58
CA PHE A 445 23.04 0.38 -7.54
C PHE A 445 23.12 1.48 -6.48
N TYR A 446 24.20 1.50 -5.70
CA TYR A 446 24.33 2.42 -4.57
C TYR A 446 24.95 3.78 -4.97
N LYS A 447 24.67 4.82 -4.19
CA LYS A 447 25.27 6.14 -4.44
C LYS A 447 26.80 6.19 -4.24
N ASP A 448 27.30 5.50 -3.21
CA ASP A 448 28.72 5.57 -2.83
C ASP A 448 29.58 4.52 -3.55
N SER A 449 29.03 3.86 -4.56
CA SER A 449 29.74 2.77 -5.21
C SER A 449 30.85 3.27 -6.15
N LEU A 450 31.94 2.49 -6.20
CA LEU A 450 33.04 2.75 -7.13
C LEU A 450 32.55 2.69 -8.57
N PHE A 451 31.67 1.72 -8.84
CA PHE A 451 31.06 1.56 -10.16
C PHE A 451 29.54 1.68 -10.04
N LYS A 452 28.95 2.51 -10.88
CA LYS A 452 27.54 2.85 -10.75
C LYS A 452 26.81 2.58 -12.06
N VAL A 453 25.62 1.99 -11.96
CA VAL A 453 24.78 1.74 -13.15
C VAL A 453 24.19 3.05 -13.66
N THR A 454 23.59 2.98 -14.85
CA THR A 454 22.90 4.11 -15.44
C THR A 454 21.72 4.50 -14.55
N PRO A 455 21.55 5.80 -14.28
CA PRO A 455 20.43 6.24 -13.44
C PRO A 455 19.12 6.19 -14.21
N THR A 456 18.55 5.00 -14.29
CA THR A 456 17.29 4.77 -14.99
C THR A 456 16.59 3.57 -14.34
N ASN A 457 15.39 3.24 -14.79
CA ASN A 457 14.66 2.11 -14.20
C ASN A 457 14.96 0.79 -14.91
N TYR A 458 14.99 -0.29 -14.13
CA TYR A 458 15.22 -1.63 -14.64
C TYR A 458 14.09 -2.54 -14.17
N ILE A 459 14.04 -3.74 -14.71
CA ILE A 459 13.17 -4.77 -14.15
C ILE A 459 14.08 -5.89 -13.67
N ALA A 460 13.82 -6.40 -12.46
CA ALA A 460 14.57 -7.55 -11.92
C ALA A 460 13.63 -8.71 -11.68
N MET A 461 14.21 -9.90 -11.59
CA MET A 461 13.47 -11.12 -11.33
C MET A 461 14.19 -11.88 -10.21
N THR A 462 13.42 -12.52 -9.32
CA THR A 462 13.98 -13.49 -8.39
C THR A 462 13.08 -14.73 -8.39
N THR A 463 13.56 -15.83 -7.83
CA THR A 463 12.74 -17.03 -7.76
C THR A 463 12.86 -17.67 -6.40
N SER A 464 11.86 -18.46 -6.03
CA SER A 464 11.91 -19.23 -4.80
C SER A 464 11.67 -20.69 -5.14
N GLN A 465 12.40 -21.58 -4.48
CA GLN A 465 12.24 -23.01 -4.75
C GLN A 465 11.50 -23.68 -3.62
N ASN A 466 11.12 -22.90 -2.61
CA ASN A 466 10.43 -23.42 -1.45
C ASN A 466 9.16 -22.60 -1.18
N ARG A 467 8.54 -22.12 -2.25
CA ARG A 467 7.25 -21.41 -2.15
C ARG A 467 7.25 -20.26 -1.15
N GLY A 468 8.27 -19.41 -1.18
CA GLY A 468 8.22 -18.18 -0.41
C GLY A 468 8.95 -18.19 0.93
N GLU A 469 9.65 -19.28 1.20
CA GLU A 469 10.44 -19.39 2.43
C GLU A 469 11.79 -18.70 2.29
N SER A 470 12.28 -18.61 1.06
CA SER A 470 13.49 -17.84 0.77
C SER A 470 13.51 -17.50 -0.71
N TRP A 471 14.24 -16.44 -1.07
CA TRP A 471 14.31 -16.00 -2.45
C TRP A 471 15.75 -15.90 -2.90
N GLU A 472 15.98 -16.20 -4.17
CA GLU A 472 17.31 -16.11 -4.75
C GLU A 472 17.74 -14.66 -4.85
N GLN A 473 19.03 -14.45 -5.12
CA GLN A 473 19.51 -13.12 -5.48
C GLN A 473 18.86 -12.74 -6.82
N PHE A 474 18.47 -11.47 -6.94
CA PHE A 474 17.71 -11.06 -8.10
C PHE A 474 18.59 -10.94 -9.36
N LYS A 475 17.99 -11.20 -10.52
CA LYS A 475 18.68 -10.95 -11.79
C LYS A 475 17.98 -9.84 -12.57
N LEU A 476 18.75 -8.97 -13.22
CA LEU A 476 18.17 -7.98 -14.12
C LEU A 476 17.64 -8.65 -15.38
N LEU A 477 16.44 -8.27 -15.81
CA LEU A 477 15.96 -8.68 -17.13
C LEU A 477 16.67 -7.82 -18.17
N PRO A 478 16.80 -8.32 -19.42
CA PRO A 478 17.42 -7.53 -20.48
C PRO A 478 16.47 -6.45 -21.02
N PRO A 479 16.99 -5.49 -21.81
CA PRO A 479 16.09 -4.52 -22.45
C PRO A 479 15.27 -5.23 -23.53
N PHE A 480 14.03 -4.79 -23.76
CA PHE A 480 13.18 -5.44 -24.77
C PHE A 480 12.85 -4.54 -25.95
N LEU A 481 13.09 -3.24 -25.80
CA LEU A 481 12.68 -2.28 -26.81
C LEU A 481 13.88 -1.48 -27.30
N GLY A 482 15.08 -2.04 -27.15
CA GLY A 482 16.27 -1.38 -27.66
C GLY A 482 17.24 -0.83 -26.65
N GLU A 483 18.44 -0.53 -27.14
CA GLU A 483 19.54 -0.03 -26.34
C GLU A 483 19.18 1.32 -25.72
N LYS A 484 18.50 2.15 -26.51
CA LYS A 484 18.26 3.53 -26.13
C LYS A 484 16.79 3.77 -25.78
N HIS A 485 16.17 2.77 -25.15
CA HIS A 485 14.82 2.91 -24.63
C HIS A 485 14.87 2.48 -23.17
N ASN A 486 14.34 3.28 -22.25
CA ASN A 486 14.37 2.87 -20.85
C ASN A 486 13.51 1.62 -20.64
N GLY A 487 13.68 0.95 -19.51
CA GLY A 487 12.95 -0.28 -19.27
C GLY A 487 11.46 -0.03 -19.12
N THR A 488 10.64 -1.01 -19.46
CA THR A 488 9.19 -0.86 -19.29
C THR A 488 8.87 -0.91 -17.81
N TYR A 489 7.62 -0.61 -17.46
CA TYR A 489 7.25 -0.61 -16.05
C TYR A 489 6.38 -1.84 -15.75
N LEU A 490 6.80 -2.63 -14.78
CA LEU A 490 6.06 -3.84 -14.42
C LEU A 490 4.67 -3.50 -13.94
N CYS A 491 3.67 -4.26 -14.39
CA CYS A 491 2.32 -4.10 -13.86
C CYS A 491 2.20 -4.89 -12.56
N PRO A 492 1.95 -4.20 -11.44
CA PRO A 492 1.91 -4.86 -10.14
C PRO A 492 0.74 -5.83 -10.05
N GLY A 493 0.94 -6.94 -9.35
CA GLY A 493 -0.13 -7.88 -9.16
C GLY A 493 0.29 -9.31 -9.40
N GLN A 494 -0.41 -9.98 -10.31
CA GLN A 494 -0.04 -11.33 -10.69
C GLN A 494 0.47 -11.35 -12.12
N GLY A 495 1.39 -12.27 -12.40
CA GLY A 495 1.68 -12.64 -13.76
C GLY A 495 0.65 -13.70 -14.12
N LEU A 496 0.72 -14.21 -15.35
CA LEU A 496 -0.28 -15.20 -15.78
C LEU A 496 0.40 -16.50 -16.14
N ALA A 497 -0.07 -17.58 -15.53
CA ALA A 497 0.40 -18.91 -15.88
C ALA A 497 -0.70 -19.58 -16.68
N LEU A 498 -0.46 -19.77 -17.97
CA LEU A 498 -1.45 -20.39 -18.84
C LEU A 498 -1.69 -21.83 -18.39
N LYS A 499 -2.96 -22.19 -18.33
CA LYS A 499 -3.36 -23.48 -17.75
C LYS A 499 -3.00 -24.69 -18.61
N SER A 500 -2.94 -24.50 -19.92
CA SER A 500 -2.78 -25.63 -20.83
C SER A 500 -1.40 -25.71 -21.47
N SER A 501 -0.48 -24.86 -21.02
CA SER A 501 0.90 -24.92 -21.48
C SER A 501 1.84 -24.46 -20.38
N ASN A 502 3.11 -24.28 -20.74
CA ASN A 502 4.12 -23.82 -19.79
C ASN A 502 4.36 -22.32 -19.89
N ARG A 503 3.53 -21.64 -20.68
CA ARG A 503 3.73 -20.22 -20.91
C ARG A 503 3.50 -19.37 -19.67
N LEU A 504 4.48 -18.51 -19.39
CA LEU A 504 4.36 -17.51 -18.33
C LEU A 504 4.37 -16.12 -18.95
N ILE A 505 3.48 -15.25 -18.47
CA ILE A 505 3.42 -13.89 -19.00
C ILE A 505 3.38 -12.86 -17.88
N PHE A 506 4.23 -11.84 -18.00
CA PHE A 506 4.14 -10.68 -17.13
C PHE A 506 3.79 -9.45 -17.94
N ALA A 507 2.72 -8.75 -17.58
CA ALA A 507 2.37 -7.52 -18.28
C ALA A 507 3.32 -6.42 -17.81
N THR A 508 3.74 -5.58 -18.75
CA THR A 508 4.41 -4.32 -18.42
C THR A 508 3.86 -3.24 -19.35
N TYR A 509 4.21 -1.99 -19.09
CA TYR A 509 3.79 -0.93 -19.99
C TYR A 509 4.88 0.12 -20.21
N THR A 510 4.75 0.87 -21.30
CA THR A 510 5.59 2.03 -21.55
C THR A 510 4.73 2.96 -22.37
N SER A 511 5.33 4.02 -22.92
CA SER A 511 4.54 4.97 -23.70
C SER A 511 3.99 4.32 -24.96
N GLY A 512 2.67 4.39 -25.14
CA GLY A 512 2.05 3.91 -26.37
C GLY A 512 1.72 2.43 -26.43
N GLU A 513 2.06 1.65 -25.40
CA GLU A 513 1.76 0.22 -25.47
C GLU A 513 1.80 -0.55 -24.17
N LEU A 514 1.12 -1.70 -24.17
CA LEU A 514 1.39 -2.73 -23.19
C LEU A 514 2.52 -3.56 -23.80
N THR A 515 3.44 -3.99 -22.96
CA THR A 515 4.55 -4.82 -23.40
C THR A 515 4.57 -6.08 -22.55
N TYR A 516 3.99 -7.14 -23.10
CA TYR A 516 3.92 -8.40 -22.37
C TYR A 516 5.23 -9.12 -22.47
N LEU A 517 5.74 -9.59 -21.32
CA LEU A 517 6.95 -10.39 -21.29
C LEU A 517 6.54 -11.85 -21.20
N ILE A 518 7.03 -12.65 -22.13
CA ILE A 518 6.57 -14.01 -22.31
C ILE A 518 7.73 -14.98 -22.16
N SER A 519 7.56 -16.00 -21.33
CA SER A 519 8.57 -17.03 -21.15
C SER A 519 7.93 -18.40 -21.32
N ASP A 520 8.59 -19.29 -22.06
CA ASP A 520 8.12 -20.65 -22.19
C ASP A 520 9.09 -21.64 -21.52
N ASP A 521 10.10 -21.11 -20.84
CA ASP A 521 11.11 -21.97 -20.23
C ASP A 521 11.40 -21.60 -18.76
N SER A 522 10.33 -21.50 -17.96
CA SER A 522 10.45 -21.26 -16.53
C SER A 522 11.17 -19.96 -16.18
N GLY A 523 10.99 -18.94 -17.02
CA GLY A 523 11.57 -17.63 -16.73
C GLY A 523 13.07 -17.52 -16.99
N GLN A 524 13.65 -18.52 -17.64
CA GLN A 524 15.06 -18.43 -18.04
C GLN A 524 15.28 -17.46 -19.21
N THR A 525 14.37 -17.48 -20.18
CA THR A 525 14.45 -16.54 -21.30
C THR A 525 13.11 -15.88 -21.51
N TRP A 526 13.14 -14.62 -21.91
CA TRP A 526 11.92 -13.83 -22.10
C TRP A 526 11.92 -13.18 -23.47
N LYS A 527 10.73 -12.98 -24.02
CA LYS A 527 10.57 -12.20 -25.24
C LYS A 527 9.39 -11.27 -25.01
N LYS A 528 9.25 -10.24 -25.84
CA LYS A 528 8.15 -9.31 -25.68
C LYS A 528 7.08 -9.49 -26.74
N SER A 529 5.86 -9.12 -26.38
CA SER A 529 4.78 -9.03 -27.34
C SER A 529 4.12 -7.67 -27.09
N SER A 530 4.36 -6.73 -28.02
CA SER A 530 3.84 -5.37 -27.91
C SER A 530 2.39 -5.27 -28.38
N ALA A 531 1.61 -4.51 -27.60
CA ALA A 531 0.21 -4.29 -27.92
C ALA A 531 -0.09 -2.80 -27.81
N SER A 532 -0.20 -2.16 -28.97
CA SER A 532 -0.50 -0.73 -29.03
C SER A 532 -1.77 -0.38 -28.25
N ILE A 533 -1.70 0.73 -27.53
CA ILE A 533 -2.88 1.29 -26.89
C ILE A 533 -2.95 2.77 -27.25
N PRO A 534 -4.16 3.32 -27.34
CA PRO A 534 -4.32 4.71 -27.78
C PRO A 534 -4.00 5.72 -26.67
N PHE A 535 -2.86 5.56 -26.01
CA PHE A 535 -2.47 6.44 -24.93
C PHE A 535 -0.99 6.76 -24.98
N LYS A 536 -0.67 8.05 -24.90
CA LYS A 536 0.68 8.48 -24.60
C LYS A 536 0.76 8.73 -23.10
N ASN A 537 1.84 8.26 -22.50
CA ASN A 537 2.11 8.54 -21.08
C ASN A 537 1.01 8.11 -20.12
N ALA A 538 0.40 6.96 -20.40
CA ALA A 538 -0.55 6.37 -19.45
C ALA A 538 0.19 5.48 -18.46
N THR A 539 -0.26 5.48 -17.21
CA THR A 539 0.17 4.50 -16.23
C THR A 539 -0.73 3.31 -16.47
N ALA A 540 -0.45 2.57 -17.54
CA ALA A 540 -1.38 1.55 -18.02
C ALA A 540 -1.16 0.23 -17.30
N GLU A 541 -1.40 0.24 -15.99
CA GLU A 541 -1.25 -0.97 -15.18
C GLU A 541 -2.30 -2.00 -15.59
N ALA A 542 -1.83 -3.17 -16.02
CA ALA A 542 -2.67 -4.20 -16.62
C ALA A 542 -2.62 -5.50 -15.83
N GLN A 543 -3.77 -6.17 -15.75
CA GLN A 543 -3.83 -7.52 -15.18
C GLN A 543 -4.65 -8.44 -16.09
N MET A 544 -4.29 -9.71 -16.11
CA MET A 544 -4.81 -10.65 -17.10
C MET A 544 -5.64 -11.77 -16.48
N VAL A 545 -6.60 -12.27 -17.26
CA VAL A 545 -7.34 -13.48 -16.90
C VAL A 545 -7.41 -14.38 -18.14
N GLU A 546 -7.35 -15.69 -17.94
CA GLU A 546 -7.56 -16.62 -19.05
C GLU A 546 -9.04 -16.99 -19.08
N LEU A 547 -9.78 -16.48 -20.06
CA LEU A 547 -11.21 -16.78 -20.18
C LEU A 547 -11.41 -18.26 -20.50
N ARG A 548 -10.56 -18.77 -21.39
CA ARG A 548 -10.55 -20.19 -21.70
C ARG A 548 -9.19 -20.42 -22.33
N ASP A 549 -8.85 -21.69 -22.58
CA ASP A 549 -7.51 -22.05 -23.03
C ASP A 549 -6.99 -21.18 -24.18
N GLY A 550 -5.89 -20.48 -23.93
CA GLY A 550 -5.27 -19.66 -24.95
C GLY A 550 -5.92 -18.30 -25.16
N VAL A 551 -7.06 -18.06 -24.51
CA VAL A 551 -7.76 -16.78 -24.62
C VAL A 551 -7.53 -15.93 -23.37
N ILE A 552 -6.75 -14.87 -23.51
CA ILE A 552 -6.42 -13.97 -22.40
C ILE A 552 -7.14 -12.65 -22.54
N ARG A 553 -7.86 -12.22 -21.51
CA ARG A 553 -8.32 -10.82 -21.49
C ARG A 553 -7.54 -10.03 -20.46
N THR A 554 -7.00 -8.90 -20.91
CA THR A 554 -6.24 -8.02 -20.04
C THR A 554 -7.08 -6.80 -19.69
N PHE A 555 -7.21 -6.52 -18.41
CA PHE A 555 -7.89 -5.31 -17.95
C PHE A 555 -6.85 -4.28 -17.50
N PHE A 556 -6.98 -3.03 -17.94
CA PHE A 556 -5.95 -2.06 -17.59
C PHE A 556 -6.42 -0.64 -17.34
N ARG A 557 -5.61 0.05 -16.53
CA ARG A 557 -5.82 1.44 -16.14
C ARG A 557 -5.55 2.36 -17.31
N THR A 558 -6.31 3.45 -17.41
CA THR A 558 -6.12 4.39 -18.52
C THR A 558 -6.14 5.83 -18.01
N THR A 559 -6.28 6.77 -18.94
CA THR A 559 -6.40 8.18 -18.57
C THR A 559 -7.79 8.71 -18.89
N THR A 560 -8.73 7.81 -19.16
CA THR A 560 -10.05 8.22 -19.66
C THR A 560 -11.16 8.21 -18.62
N GLY A 561 -10.87 7.72 -17.41
CA GLY A 561 -11.90 7.54 -16.40
C GLY A 561 -12.62 6.20 -16.55
N LYS A 562 -12.14 5.38 -17.47
CA LYS A 562 -12.71 4.06 -17.69
C LYS A 562 -11.62 3.00 -17.79
N ILE A 563 -11.90 1.84 -17.21
CA ILE A 563 -11.02 0.69 -17.30
C ILE A 563 -11.09 0.14 -18.73
N ALA A 564 -9.92 -0.15 -19.31
CA ALA A 564 -9.88 -0.69 -20.67
C ALA A 564 -9.62 -2.18 -20.66
N TYR A 565 -9.79 -2.80 -21.83
CA TYR A 565 -9.43 -4.20 -21.99
C TYR A 565 -9.05 -4.50 -23.43
N MET A 566 -8.29 -5.59 -23.59
CA MET A 566 -7.96 -6.14 -24.90
C MET A 566 -7.87 -7.65 -24.74
N THR A 567 -7.93 -8.34 -25.86
CA THR A 567 -8.03 -9.80 -25.85
C THR A 567 -6.99 -10.43 -26.76
N SER A 568 -6.43 -11.55 -26.31
CA SER A 568 -5.53 -12.35 -27.13
C SER A 568 -6.16 -13.72 -27.25
N ARG A 569 -6.02 -14.36 -28.42
CA ARG A 569 -6.54 -15.72 -28.60
C ARG A 569 -5.47 -16.71 -28.97
N ASP A 570 -4.21 -16.28 -28.89
CA ASP A 570 -3.10 -17.16 -29.24
C ASP A 570 -2.11 -17.11 -28.11
N SER A 571 -2.61 -17.20 -26.87
CA SER A 571 -1.76 -17.23 -25.69
C SER A 571 -0.76 -16.08 -25.63
N GLY A 572 -1.19 -14.91 -26.10
CA GLY A 572 -0.39 -13.69 -25.94
C GLY A 572 0.47 -13.27 -27.13
N GLU A 573 0.39 -14.00 -28.23
CA GLU A 573 1.19 -13.65 -29.42
C GLU A 573 0.66 -12.37 -30.06
N THR A 574 -0.66 -12.31 -30.24
CA THR A 574 -1.29 -11.13 -30.82
C THR A 574 -2.44 -10.60 -29.95
N TRP A 575 -2.76 -9.32 -30.12
CA TRP A 575 -3.72 -8.68 -29.24
C TRP A 575 -4.75 -7.85 -30.00
N SER A 576 -5.99 -7.84 -29.50
CA SER A 576 -7.06 -7.11 -30.16
C SER A 576 -6.88 -5.61 -29.94
N LYS A 577 -7.71 -4.82 -30.60
CA LYS A 577 -7.77 -3.41 -30.29
C LYS A 577 -8.41 -3.22 -28.90
N VAL A 578 -8.42 -1.98 -28.42
CA VAL A 578 -8.80 -1.69 -27.05
C VAL A 578 -10.29 -1.35 -26.90
N SER A 579 -10.96 -1.94 -25.91
CA SER A 579 -12.34 -1.58 -25.62
C SER A 579 -12.40 -1.06 -24.18
N TYR A 580 -13.56 -0.56 -23.78
CA TYR A 580 -13.70 -0.03 -22.42
C TYR A 580 -14.90 -0.64 -21.72
N ILE A 581 -14.79 -0.77 -20.40
CA ILE A 581 -15.90 -1.19 -19.56
C ILE A 581 -16.75 0.01 -19.15
N ASP A 582 -18.05 -0.06 -19.42
CA ASP A 582 -18.97 0.93 -18.86
C ASP A 582 -19.54 0.30 -17.60
N GLY A 583 -19.98 1.12 -16.65
CA GLY A 583 -20.53 0.58 -15.41
C GLY A 583 -19.56 0.71 -14.25
N ILE A 584 -18.30 1.00 -14.55
CA ILE A 584 -17.34 1.34 -13.51
C ILE A 584 -16.66 2.66 -13.88
N GLN A 585 -16.55 3.56 -12.90
CA GLN A 585 -15.80 4.81 -13.11
C GLN A 585 -14.49 4.84 -12.33
N GLN A 586 -13.44 5.35 -12.97
CA GLN A 586 -12.23 5.71 -12.25
C GLN A 586 -12.00 7.19 -12.41
N THR A 587 -11.02 7.71 -11.67
CA THR A 587 -10.61 9.09 -11.81
C THR A 587 -9.88 9.23 -13.14
N SER A 588 -9.60 10.46 -13.54
CA SER A 588 -8.84 10.76 -14.76
C SER A 588 -7.47 10.10 -14.72
N TYR A 589 -6.85 10.07 -13.53
CA TYR A 589 -5.49 9.52 -13.41
C TYR A 589 -5.48 8.00 -13.25
N GLY A 590 -6.60 7.46 -12.76
CA GLY A 590 -6.80 6.03 -12.75
C GLY A 590 -6.22 5.33 -11.53
N THR A 591 -6.54 4.05 -11.39
CA THR A 591 -6.03 3.21 -10.31
C THR A 591 -5.86 1.79 -10.86
N GLN A 592 -4.85 1.09 -10.34
CA GLN A 592 -4.64 -0.32 -10.65
C GLN A 592 -5.94 -1.10 -10.46
N VAL A 593 -6.17 -2.07 -11.33
CA VAL A 593 -7.30 -2.98 -11.22
C VAL A 593 -6.76 -4.41 -11.10
N SER A 594 -7.27 -5.20 -10.16
CA SER A 594 -6.86 -6.59 -10.06
C SER A 594 -7.99 -7.45 -10.60
N ALA A 595 -7.66 -8.65 -11.09
CA ALA A 595 -8.63 -9.49 -11.77
C ALA A 595 -8.26 -10.97 -11.72
N ILE A 596 -9.27 -11.81 -11.55
CA ILE A 596 -9.06 -13.26 -11.61
C ILE A 596 -10.19 -13.95 -12.37
N LYS A 597 -9.89 -15.12 -12.90
CA LYS A 597 -10.91 -16.02 -13.42
C LYS A 597 -11.31 -16.95 -12.28
N TYR A 598 -12.58 -16.88 -11.87
CA TYR A 598 -13.07 -17.72 -10.79
C TYR A 598 -13.20 -19.17 -11.28
N SER A 599 -12.84 -20.14 -10.44
CA SER A 599 -12.81 -21.54 -10.87
C SER A 599 -14.19 -22.17 -11.05
N GLN A 600 -15.18 -21.60 -10.37
CA GLN A 600 -16.53 -22.19 -10.36
C GLN A 600 -17.49 -21.37 -11.20
N LEU A 601 -18.47 -22.04 -11.79
CA LEU A 601 -19.49 -21.33 -12.56
C LEU A 601 -20.37 -20.53 -11.61
N ILE A 602 -20.91 -19.44 -12.11
CA ILE A 602 -21.85 -18.63 -11.34
C ILE A 602 -23.04 -18.35 -12.24
N ASP A 603 -24.25 -18.61 -11.73
CA ASP A 603 -25.45 -18.55 -12.56
C ASP A 603 -25.25 -19.35 -13.83
N GLY A 604 -24.57 -20.49 -13.70
CA GLY A 604 -24.30 -21.37 -14.82
C GLY A 604 -23.27 -20.86 -15.83
N LYS A 605 -22.64 -19.73 -15.52
CA LYS A 605 -21.71 -19.12 -16.46
C LYS A 605 -20.30 -19.00 -15.90
N GLU A 606 -19.32 -18.97 -16.80
CA GLU A 606 -17.94 -18.72 -16.45
C GLU A 606 -17.82 -17.29 -15.92
N ALA A 607 -17.04 -17.11 -14.86
CA ALA A 607 -17.01 -15.83 -14.16
C ALA A 607 -15.61 -15.24 -14.00
N VAL A 608 -15.55 -13.92 -14.08
CA VAL A 608 -14.35 -13.12 -13.86
C VAL A 608 -14.73 -12.17 -12.73
N ILE A 609 -13.79 -11.90 -11.83
CA ILE A 609 -14.02 -10.92 -10.76
C ILE A 609 -12.98 -9.80 -10.87
N LEU A 610 -13.44 -8.55 -10.89
CA LEU A 610 -12.55 -7.38 -10.92
C LEU A 610 -12.61 -6.67 -9.57
N SER A 611 -11.47 -6.14 -9.14
CA SER A 611 -11.38 -5.34 -7.92
C SER A 611 -10.83 -3.97 -8.27
N THR A 612 -11.56 -2.92 -7.89
CA THR A 612 -11.18 -1.56 -8.24
C THR A 612 -12.01 -0.55 -7.44
N PRO A 613 -11.48 0.68 -7.25
CA PRO A 613 -12.40 1.71 -6.77
C PRO A 613 -13.45 1.97 -7.87
N ASN A 614 -14.64 2.37 -7.46
CA ASN A 614 -15.66 2.78 -8.41
C ASN A 614 -16.05 4.20 -8.04
N SER A 615 -15.38 5.16 -8.66
CA SER A 615 -15.51 6.56 -8.27
C SER A 615 -14.83 7.43 -9.31
N ARG A 616 -15.46 8.55 -9.65
CA ARG A 616 -14.90 9.49 -10.62
C ARG A 616 -14.14 10.60 -9.89
N SER A 617 -14.22 10.58 -8.56
CA SER A 617 -13.70 11.66 -7.73
CA SER A 617 -13.69 11.66 -7.73
C SER A 617 -12.34 11.35 -7.09
N GLY A 618 -12.25 10.20 -6.42
CA GLY A 618 -10.99 9.81 -5.78
C GLY A 618 -10.82 8.30 -5.78
N ARG A 619 -9.84 7.83 -5.02
CA ARG A 619 -9.63 6.39 -4.84
C ARG A 619 -10.43 5.95 -3.62
N LYS A 620 -11.71 5.66 -3.87
CA LYS A 620 -12.62 5.30 -2.80
C LYS A 620 -13.78 4.56 -3.45
N GLY A 621 -14.70 4.06 -2.64
CA GLY A 621 -15.80 3.26 -3.17
C GLY A 621 -15.33 1.93 -3.72
N GLY A 622 -14.64 1.15 -2.90
CA GLY A 622 -14.09 -0.11 -3.37
C GLY A 622 -15.17 -1.10 -3.76
N GLN A 623 -14.97 -1.77 -4.89
CA GLN A 623 -15.89 -2.83 -5.30
C GLN A 623 -15.20 -4.09 -5.81
N LEU A 624 -15.86 -5.23 -5.60
CA LEU A 624 -15.56 -6.40 -6.40
C LEU A 624 -16.72 -6.50 -7.40
N VAL A 625 -16.39 -6.65 -8.68
CA VAL A 625 -17.42 -6.68 -9.71
C VAL A 625 -17.39 -8.04 -10.38
N VAL A 626 -18.50 -8.76 -10.32
CA VAL A 626 -18.52 -10.10 -10.88
C VAL A 626 -19.06 -10.06 -12.31
N GLY A 627 -18.25 -10.53 -13.25
CA GLY A 627 -18.68 -10.60 -14.64
C GLY A 627 -18.93 -12.02 -15.08
N LEU A 628 -19.98 -12.22 -15.86
CA LEU A 628 -20.28 -13.53 -16.43
C LEU A 628 -19.93 -13.52 -17.92
N VAL A 629 -19.25 -14.56 -18.37
CA VAL A 629 -18.76 -14.63 -19.74
C VAL A 629 -19.85 -15.14 -20.67
N ASN A 630 -20.01 -14.47 -21.81
CA ASN A 630 -20.94 -14.89 -22.84
C ASN A 630 -20.20 -15.74 -23.86
N LYS A 631 -20.40 -17.04 -23.80
CA LYS A 631 -19.60 -17.98 -24.60
C LYS A 631 -19.71 -17.80 -26.11
N GLU A 632 -20.65 -16.98 -26.57
CA GLU A 632 -20.87 -16.84 -28.01
C GLU A 632 -19.95 -15.79 -28.64
N ASP A 633 -19.42 -14.89 -27.81
CA ASP A 633 -18.57 -13.82 -28.31
C ASP A 633 -17.51 -13.40 -27.29
N ASP A 634 -17.49 -14.08 -26.15
CA ASP A 634 -16.58 -13.75 -25.05
C ASP A 634 -16.78 -12.35 -24.47
N SER A 635 -17.97 -11.78 -24.70
CA SER A 635 -18.31 -10.54 -24.06
C SER A 635 -18.57 -10.84 -22.59
N ILE A 636 -18.50 -9.81 -21.76
CA ILE A 636 -18.70 -10.03 -20.34
C ILE A 636 -19.81 -9.14 -19.82
N ASP A 637 -20.78 -9.75 -19.15
CA ASP A 637 -21.88 -9.04 -18.52
CA ASP A 637 -21.84 -9.00 -18.54
C ASP A 637 -21.53 -8.80 -17.05
N TRP A 638 -21.26 -7.56 -16.69
CA TRP A 638 -20.91 -7.23 -15.32
C TRP A 638 -22.18 -7.20 -14.48
N LYS A 639 -22.46 -8.32 -13.82
CA LYS A 639 -23.80 -8.56 -13.27
C LYS A 639 -23.93 -8.18 -11.80
N TYR A 640 -22.91 -8.46 -10.99
CA TYR A 640 -22.97 -8.15 -9.57
C TYR A 640 -21.87 -7.16 -9.20
N HIS A 641 -22.22 -6.16 -8.39
CA HIS A 641 -21.26 -5.23 -7.83
C HIS A 641 -21.28 -5.39 -6.31
N TYR A 642 -20.15 -5.75 -5.71
CA TYR A 642 -20.06 -5.83 -4.26
C TYR A 642 -19.30 -4.64 -3.70
N ASP A 643 -19.95 -3.90 -2.81
CA ASP A 643 -19.34 -2.73 -2.19
C ASP A 643 -18.47 -3.15 -1.01
N ILE A 644 -17.15 -3.02 -1.17
CA ILE A 644 -16.21 -3.42 -0.10
C ILE A 644 -16.45 -2.67 1.22
N ASP A 645 -16.73 -1.38 1.12
CA ASP A 645 -17.08 -0.55 2.27
C ASP A 645 -17.76 0.68 1.64
N LEU A 646 -18.07 1.69 2.46
CA LEU A 646 -18.80 2.89 1.98
C LEU A 646 -18.22 3.52 0.71
N PRO A 647 -19.09 4.09 -0.15
CA PRO A 647 -18.61 4.73 -1.37
C PRO A 647 -17.61 5.85 -1.08
N SER A 648 -17.66 6.43 0.11
CA SER A 648 -16.78 7.54 0.44
C SER A 648 -15.50 7.11 1.17
N TYR A 649 -15.41 5.84 1.57
CA TYR A 649 -14.22 5.34 2.28
C TYR A 649 -13.15 4.88 1.28
N GLY A 650 -11.88 5.05 1.63
CA GLY A 650 -10.80 4.88 0.70
C GLY A 650 -10.57 3.47 0.21
N TYR A 651 -10.21 3.36 -1.06
CA TYR A 651 -9.87 2.07 -1.65
C TYR A 651 -8.99 2.36 -2.84
N ALA A 652 -7.78 1.79 -2.86
CA ALA A 652 -6.86 2.10 -3.95
C ALA A 652 -6.32 0.83 -4.63
N TYR A 653 -5.00 0.67 -4.62
CA TYR A 653 -4.42 -0.54 -5.23
C TYR A 653 -4.95 -1.78 -4.53
N SER A 654 -5.11 -2.86 -5.27
CA SER A 654 -5.72 -4.05 -4.68
C SER A 654 -5.17 -5.32 -5.27
N ALA A 655 -5.34 -6.40 -4.49
CA ALA A 655 -4.93 -7.73 -4.92
C ALA A 655 -6.06 -8.68 -4.59
N ILE A 656 -6.42 -9.55 -5.53
CA ILE A 656 -7.43 -10.57 -5.24
C ILE A 656 -6.95 -11.94 -5.66
N THR A 657 -7.40 -12.95 -4.92
CA THR A 657 -7.06 -14.32 -5.29
C THR A 657 -8.18 -15.27 -4.84
N GLU A 658 -8.39 -16.32 -5.63
CA GLU A 658 -9.30 -17.37 -5.21
C GLU A 658 -8.54 -18.28 -4.24
N LEU A 659 -9.02 -18.36 -3.01
CA LEU A 659 -8.37 -19.19 -1.99
C LEU A 659 -8.65 -20.67 -2.29
N PRO A 660 -7.83 -21.58 -1.75
CA PRO A 660 -8.06 -23.01 -2.07
C PRO A 660 -9.47 -23.50 -1.73
N ASN A 661 -10.14 -22.87 -0.78
CA ASN A 661 -11.47 -23.30 -0.34
C ASN A 661 -12.57 -22.59 -1.13
N HIS A 662 -12.17 -21.90 -2.21
CA HIS A 662 -13.05 -21.14 -3.10
C HIS A 662 -13.58 -19.82 -2.52
N HIS A 663 -13.11 -19.44 -1.32
CA HIS A 663 -13.37 -18.07 -0.86
C HIS A 663 -12.51 -17.12 -1.69
N ILE A 664 -12.73 -15.82 -1.53
CA ILE A 664 -11.92 -14.79 -2.19
C ILE A 664 -11.12 -14.03 -1.13
N GLY A 665 -9.80 -13.92 -1.32
CA GLY A 665 -8.97 -13.07 -0.48
C GLY A 665 -8.74 -11.73 -1.17
N VAL A 666 -8.87 -10.64 -0.40
CA VAL A 666 -8.61 -9.31 -0.92
C VAL A 666 -7.65 -8.58 0.01
N LEU A 667 -6.48 -8.22 -0.51
CA LEU A 667 -5.52 -7.39 0.23
C LEU A 667 -5.45 -6.05 -0.49
N PHE A 668 -5.75 -4.96 0.21
CA PHE A 668 -5.94 -3.69 -0.49
C PHE A 668 -5.53 -2.48 0.33
N GLU A 669 -5.16 -1.40 -0.37
CA GLU A 669 -4.90 -0.12 0.26
C GLU A 669 -6.22 0.49 0.69
N LYS A 670 -6.51 0.48 1.99
CA LYS A 670 -7.78 1.06 2.44
C LYS A 670 -7.62 2.55 2.77
N TYR A 671 -7.28 3.32 1.75
CA TYR A 671 -7.14 4.77 1.88
C TYR A 671 -6.93 5.32 0.49
N ASP A 672 -7.01 6.64 0.35
CA ASP A 672 -6.76 7.24 -0.94
C ASP A 672 -5.26 7.46 -1.11
N SER A 673 -4.60 6.57 -1.86
CA SER A 673 -3.15 6.65 -2.02
C SER A 673 -2.73 7.67 -3.09
N TRP A 674 -3.71 8.38 -3.65
CA TRP A 674 -3.39 9.51 -4.54
C TRP A 674 -3.38 10.81 -3.73
N SER A 675 -4.33 10.94 -2.81
CA SER A 675 -4.52 12.17 -2.05
C SER A 675 -3.28 12.67 -1.33
N ARG A 676 -3.03 13.96 -1.44
CA ARG A 676 -1.93 14.59 -0.73
C ARG A 676 -2.26 14.75 0.76
N ASN A 677 -3.50 14.48 1.13
CA ASN A 677 -3.90 14.61 2.53
C ASN A 677 -3.78 13.28 3.30
N GLU A 678 -3.60 12.18 2.56
CA GLU A 678 -3.58 10.85 3.19
C GLU A 678 -2.23 10.11 3.03
N LEU A 679 -1.17 10.89 2.88
CA LEU A 679 0.18 10.34 2.83
C LEU A 679 0.61 9.81 4.19
N HIS A 680 1.49 8.81 4.15
CA HIS A 680 2.24 8.40 5.33
C HIS A 680 1.30 7.93 6.45
N LEU A 681 0.33 7.09 6.09
CA LEU A 681 -0.55 6.46 7.08
C LEU A 681 -0.08 5.03 7.34
N SER A 682 -0.14 4.60 8.60
CA SER A 682 0.28 3.25 8.92
CA SER A 682 0.27 3.25 9.01
C SER A 682 -0.88 2.26 9.00
N ASN A 683 -0.62 1.02 8.57
CA ASN A 683 -1.58 -0.08 8.69
C ASN A 683 -2.92 0.16 7.99
N VAL A 684 -2.84 0.61 6.73
CA VAL A 684 -4.03 0.83 5.91
C VAL A 684 -4.12 -0.20 4.79
N VAL A 685 -3.03 -0.93 4.55
CA VAL A 685 -3.11 -2.09 3.66
C VAL A 685 -3.65 -3.27 4.47
N GLN A 686 -4.85 -3.72 4.10
CA GLN A 686 -5.58 -4.67 4.93
C GLN A 686 -6.16 -5.82 4.11
N TYR A 687 -6.41 -6.94 4.79
CA TYR A 687 -6.87 -8.17 4.16
C TYR A 687 -8.24 -8.59 4.69
N ILE A 688 -9.12 -9.00 3.79
CA ILE A 688 -10.43 -9.54 4.18
C ILE A 688 -10.74 -10.83 3.44
N ASP A 689 -11.63 -11.64 4.02
CA ASP A 689 -12.07 -12.89 3.41
C ASP A 689 -13.53 -12.74 3.00
N LEU A 690 -13.85 -13.10 1.76
CA LEU A 690 -15.23 -13.05 1.28
C LEU A 690 -15.63 -14.36 0.63
N GLU A 691 -16.92 -14.63 0.63
CA GLU A 691 -17.49 -15.77 -0.10
C GLU A 691 -18.27 -15.23 -1.29
N ILE A 692 -18.41 -16.05 -2.33
CA ILE A 692 -19.11 -15.64 -3.55
C ILE A 692 -20.53 -15.17 -3.23
N ASN A 693 -21.18 -15.86 -2.29
CA ASN A 693 -22.53 -15.48 -1.91
C ASN A 693 -22.60 -14.07 -1.31
N ASP A 694 -21.51 -13.62 -0.69
CA ASP A 694 -21.44 -12.24 -0.20
C ASP A 694 -21.47 -11.28 -1.37
N LEU A 695 -20.83 -11.68 -2.47
CA LEU A 695 -20.67 -10.83 -3.64
C LEU A 695 -21.96 -10.73 -4.44
N THR A 696 -22.69 -11.84 -4.52
CA THR A 696 -23.95 -11.86 -5.25
C THR A 696 -25.11 -11.55 -4.30
OAD A20 B . -0.30 5.76 -6.92
SAH A20 B . 0.35 5.95 -8.23
OAB A20 B . 0.99 7.27 -8.29
OAC A20 B . -0.67 5.82 -9.29
CAG A20 B . 1.59 4.71 -8.43
CAF A20 B . 2.04 4.64 -9.84
CAE A20 B . 3.13 3.63 -9.99
NAA A20 B . 2.67 2.34 -9.53
S DMS C . -3.52 -17.69 -9.02
O DMS C . -3.79 -17.09 -7.72
C1 DMS C . -4.06 -16.78 -10.43
C2 DMS C . -3.72 -19.43 -9.17
#